data_8DN7
#
_entry.id   8DN7
#
_cell.length_a   43.212
_cell.length_b   43.430
_cell.length_c   169.606
_cell.angle_alpha   94.200
_cell.angle_beta   94.210
_cell.angle_gamma   104.440
#
_symmetry.space_group_name_H-M   'P 1'
#
loop_
_entity.id
_entity.type
_entity.pdbx_description
1 polymer 'Protein TOC75, chloroplastic'
2 polymer 'fabax9 Heavy Chain'
3 polymer 'fabax9 Light Chain'
4 water water
#
loop_
_entity_poly.entity_id
_entity_poly.type
_entity_poly.pdbx_seq_one_letter_code
_entity_poly.pdbx_strand_id
1 'polypeptide(L)'
;GAMGDEPKSEDWDSHELPADITVLLGRLSGFKKYKISDILFFDRNKKSKVETQDSFLDMVSLKPGGVYTKAQLQKELESL
ATCGMFEKVDMEGKTNADGSLGLTISFAESMWERADRFRCINVGLMGQSKPVEMDPDMSEKEKIEFFRRQEREYKRRISS
ARPCLLPTSVHEEIKDMLAEQGRVSARLLQKIRDRVQSWYHEEGYACAQVVNFGNLNTREVVCEVVEGDITKLSIQYLDK
LGNVVEGNTEGPVVQRELPKQLLPGHTFNIEAGKQALRNINSLALFSNIEVNPRPDEMNEGSIIVEIKLKELE
;
E,C
2 'polypeptide(L)'
;EISEVQLVESGGGLVQPGGSLRLSCAASGFNFYYSSIHWVRQAPGKGLEWVASISSYYGSTSYADSVKGRFTISADTSKN
TAYLQMNSLRAEDTAVYYCARETYYTEFSWSYSWGLDYWGQGTLVTVSSASTKGPSVFPLAPSSKSTSGGTAALGCLVKD
YFPEPVTVSWNSGALTSGVHTFPAVLQSSGLYSLSSVVTVPSSSLGTQTYICNVNHKPSNTKVDKKVEPKSCDKTHTSRH
HHHHH
;
D,A
3 'polypeptide(L)'
;SDIQMTQSPSSLSASVGDRVTITCRASQSVSSAVAWYQQKPGKAPKLLIYSASSLYSGVPSRFSGSRSGTDFTLTISSLQ
PEDFATYYCQQSSIVWEPITFGQGTKVEIKRTVAAPSVFIFPPSDSQLKSGTASVVCLLNNFYPREAKVQWKVDNALQSG
NSQESVTEQDSKDSTYSLSSTLTLSKADYEKHKVYACEVTHQGLSSPVTKSFNRGEC
;
B,H
#
# COMPACT_ATOMS: atom_id res chain seq x y z
N ARG A 114 42.02 -60.30 6.13
CA ARG A 114 42.79 -59.22 5.52
C ARG A 114 44.28 -59.38 5.82
N ALA A 115 44.60 -59.70 7.08
CA ALA A 115 45.97 -59.68 7.59
C ALA A 115 46.27 -61.03 8.25
N ASP A 116 46.81 -61.96 7.48
CA ASP A 116 47.22 -63.25 8.01
C ASP A 116 48.68 -63.26 8.46
N ARG A 117 49.47 -62.30 8.00
CA ARG A 117 50.91 -62.30 8.21
C ARG A 117 51.34 -60.95 8.80
N PHE A 118 52.47 -60.98 9.50
CA PHE A 118 53.04 -59.79 10.11
C PHE A 118 54.56 -59.83 10.01
N ARG A 119 55.15 -58.70 9.63
CA ARG A 119 56.59 -58.55 9.55
C ARG A 119 56.99 -57.27 10.25
N CYS A 120 58.14 -57.28 10.91
CA CYS A 120 58.72 -56.12 11.54
C CYS A 120 60.12 -55.92 10.98
N ILE A 121 60.39 -54.73 10.44
CA ILE A 121 61.70 -54.42 9.85
C ILE A 121 62.26 -53.16 10.48
N ASN A 122 63.58 -53.15 10.68
CA ASN A 122 64.29 -51.96 11.13
C ASN A 122 64.74 -51.19 9.89
N VAL A 123 64.19 -50.00 9.70
CA VAL A 123 64.58 -49.10 8.61
C VAL A 123 64.90 -47.75 9.23
N GLY A 124 66.18 -47.52 9.51
CA GLY A 124 66.58 -46.26 10.14
C GLY A 124 66.40 -45.03 9.26
N LEU A 125 66.77 -45.12 7.98
CA LEU A 125 66.87 -43.93 7.14
C LEU A 125 65.54 -43.43 6.59
N MET A 126 64.59 -44.32 6.31
CA MET A 126 63.32 -43.93 5.68
C MET A 126 63.56 -43.22 4.34
N PRO A 131 57.12 -40.12 2.44
CA PRO A 131 56.29 -38.94 2.20
C PRO A 131 56.56 -38.37 0.81
N VAL A 132 55.52 -38.22 0.00
CA VAL A 132 55.67 -38.04 -1.44
C VAL A 132 54.90 -36.82 -1.91
N GLU A 133 55.62 -35.90 -2.56
CA GLU A 133 55.03 -34.66 -3.09
C GLU A 133 54.40 -35.03 -4.42
N MET A 134 53.08 -35.13 -4.44
CA MET A 134 52.38 -35.65 -5.61
C MET A 134 52.41 -34.69 -6.79
N ASP A 135 52.44 -35.28 -7.99
CA ASP A 135 52.33 -34.51 -9.22
C ASP A 135 50.92 -33.93 -9.31
N PRO A 136 50.76 -32.77 -9.93
CA PRO A 136 49.51 -32.01 -9.79
C PRO A 136 48.30 -32.49 -10.59
N ASP A 137 48.49 -32.86 -11.85
CA ASP A 137 47.39 -33.26 -12.74
C ASP A 137 47.64 -34.63 -13.32
N MET A 138 47.88 -35.59 -12.44
CA MET A 138 48.17 -36.96 -12.88
C MET A 138 46.98 -37.55 -13.61
N SER A 139 47.27 -38.21 -14.73
CA SER A 139 46.27 -38.95 -15.46
C SER A 139 45.99 -40.28 -14.78
N GLU A 140 44.97 -40.98 -15.28
CA GLU A 140 44.61 -42.29 -14.73
C GLU A 140 45.80 -43.25 -14.83
N LYS A 141 46.45 -43.29 -15.98
CA LYS A 141 47.61 -44.16 -16.17
C LYS A 141 48.73 -43.77 -15.21
N GLU A 142 48.89 -42.47 -14.95
CA GLU A 142 49.92 -42.02 -14.03
C GLU A 142 49.59 -42.39 -12.58
N LYS A 143 48.31 -42.39 -12.20
CA LYS A 143 47.95 -42.88 -10.88
C LYS A 143 48.30 -44.37 -10.74
N ILE A 144 47.97 -45.16 -11.77
CA ILE A 144 48.31 -46.58 -11.74
C ILE A 144 49.82 -46.75 -11.61
N GLU A 145 50.59 -46.00 -12.39
CA GLU A 145 52.04 -46.11 -12.31
C GLU A 145 52.58 -45.65 -10.97
N PHE A 146 51.93 -44.69 -10.32
CA PHE A 146 52.34 -44.30 -8.97
C PHE A 146 52.15 -45.45 -7.99
N PHE A 147 51.00 -46.13 -8.08
CA PHE A 147 50.78 -47.28 -7.20
C PHE A 147 51.82 -48.37 -7.44
N ARG A 148 52.12 -48.64 -8.72
CA ARG A 148 53.11 -49.67 -9.04
C ARG A 148 54.50 -49.28 -8.53
N ARG A 149 54.87 -48.01 -8.71
CA ARG A 149 56.14 -47.51 -8.19
C ARG A 149 56.24 -47.70 -6.69
N GLN A 150 55.17 -47.34 -5.97
CA GLN A 150 55.17 -47.48 -4.52
C GLN A 150 55.32 -48.93 -4.10
N GLU A 151 54.61 -49.83 -4.78
CA GLU A 151 54.75 -51.26 -4.47
C GLU A 151 56.18 -51.74 -4.69
N ARG A 152 56.76 -51.41 -5.84
CA ARG A 152 58.12 -51.86 -6.16
C ARG A 152 59.14 -51.31 -5.16
N GLU A 153 59.02 -50.02 -4.82
CA GLU A 153 59.94 -49.42 -3.87
C GLU A 153 59.77 -50.01 -2.48
N TYR A 154 58.54 -50.37 -2.09
CA TYR A 154 58.38 -51.01 -0.79
C TYR A 154 58.95 -52.42 -0.79
N LYS A 155 58.86 -53.13 -1.91
CA LYS A 155 59.56 -54.41 -2.03
C LYS A 155 61.05 -54.24 -1.80
N ARG A 156 61.67 -53.26 -2.47
CA ARG A 156 63.10 -53.02 -2.26
C ARG A 156 63.40 -52.62 -0.82
N ARG A 157 62.53 -51.81 -0.23
CA ARG A 157 62.71 -51.36 1.15
C ARG A 157 62.68 -52.53 2.13
N ILE A 158 61.73 -53.45 1.96
CA ILE A 158 61.71 -54.65 2.78
C ILE A 158 62.98 -55.45 2.57
N SER A 159 63.41 -55.61 1.31
CA SER A 159 64.56 -56.46 1.02
C SER A 159 65.84 -55.93 1.66
N SER A 160 66.05 -54.61 1.62
CA SER A 160 67.30 -54.06 2.14
C SER A 160 67.25 -53.80 3.64
N ALA A 161 66.10 -53.91 4.28
CA ALA A 161 65.98 -53.64 5.70
C ALA A 161 66.38 -54.88 6.51
N ARG A 162 66.61 -54.66 7.79
CA ARG A 162 66.96 -55.79 8.64
C ARG A 162 65.75 -56.25 9.46
N PRO A 163 65.71 -57.51 9.89
CA PRO A 163 64.62 -57.94 10.76
C PRO A 163 64.71 -57.25 12.12
N CYS A 164 63.56 -57.17 12.79
CA CYS A 164 63.48 -56.53 14.09
C CYS A 164 64.05 -57.43 15.18
N LEU A 165 64.48 -56.82 16.28
CA LEU A 165 64.85 -57.56 17.47
C LEU A 165 63.65 -58.20 18.14
N LEU A 166 62.44 -57.81 17.76
CA LEU A 166 61.21 -58.29 18.35
C LEU A 166 61.21 -59.81 18.41
N PRO A 167 61.09 -60.41 19.59
CA PRO A 167 61.24 -61.86 19.71
C PRO A 167 60.00 -62.59 19.21
N THR A 168 60.14 -63.91 19.10
CA THR A 168 59.11 -64.73 18.47
C THR A 168 57.79 -64.67 19.24
N SER A 169 57.85 -64.63 20.58
CA SER A 169 56.64 -64.61 21.39
C SER A 169 55.80 -63.36 21.14
N VAL A 170 56.45 -62.20 21.04
CA VAL A 170 55.71 -60.97 20.74
C VAL A 170 55.16 -61.03 19.33
N HIS A 171 55.89 -61.66 18.40
CA HIS A 171 55.35 -61.85 17.05
C HIS A 171 54.08 -62.70 17.10
N GLU A 172 54.06 -63.73 17.94
CA GLU A 172 52.86 -64.55 18.06
C GLU A 172 51.72 -63.78 18.69
N GLU A 173 52.04 -62.90 19.65
CA GLU A 173 51.00 -62.02 20.21
C GLU A 173 50.40 -61.13 19.13
N ILE A 174 51.24 -60.55 18.27
CA ILE A 174 50.75 -59.70 17.18
C ILE A 174 49.92 -60.53 16.20
N LYS A 175 50.39 -61.74 15.90
CA LYS A 175 49.64 -62.64 15.02
C LYS A 175 48.27 -62.95 15.60
N ASP A 176 48.19 -63.13 16.92
CA ASP A 176 46.89 -63.37 17.55
C ASP A 176 46.00 -62.14 17.47
N MET A 177 46.58 -60.95 17.67
CA MET A 177 45.78 -59.73 17.52
C MET A 177 45.22 -59.62 16.11
N LEU A 178 46.03 -59.96 15.11
CA LEU A 178 45.55 -59.93 13.72
C LEU A 178 44.46 -60.97 13.49
N ALA A 179 44.63 -62.17 14.04
CA ALA A 179 43.68 -63.25 13.85
C ALA A 179 42.37 -63.01 14.59
N GLU A 180 42.40 -62.24 15.68
CA GLU A 180 41.18 -62.02 16.44
C GLU A 180 40.15 -61.23 15.65
N GLN A 181 40.58 -60.12 15.04
CA GLN A 181 39.67 -59.32 14.23
C GLN A 181 39.59 -59.78 12.78
N GLY A 182 40.65 -60.40 12.26
CA GLY A 182 40.64 -60.84 10.88
C GLY A 182 40.58 -59.72 9.87
N ARG A 183 40.75 -58.47 10.33
CA ARG A 183 40.65 -57.29 9.47
C ARG A 183 41.48 -56.19 10.12
N VAL A 184 42.32 -55.54 9.33
CA VAL A 184 43.17 -54.47 9.81
C VAL A 184 42.43 -53.15 9.77
N SER A 185 42.75 -52.28 10.73
CA SER A 185 42.14 -50.97 10.85
C SER A 185 43.12 -50.07 11.57
N ALA A 186 42.77 -48.78 11.67
CA ALA A 186 43.67 -47.85 12.34
C ALA A 186 43.82 -48.18 13.82
N ARG A 187 42.72 -48.59 14.47
CA ARG A 187 42.81 -48.92 15.89
C ARG A 187 43.69 -50.14 16.14
N LEU A 188 43.59 -51.16 15.27
CA LEU A 188 44.44 -52.34 15.41
C LEU A 188 45.90 -52.01 15.17
N LEU A 189 46.19 -51.17 14.18
CA LEU A 189 47.57 -50.76 13.94
C LEU A 189 48.11 -49.97 15.12
N GLN A 190 47.27 -49.13 15.74
CA GLN A 190 47.70 -48.41 16.93
C GLN A 190 48.02 -49.36 18.07
N LYS A 191 47.17 -50.37 18.29
CA LYS A 191 47.45 -51.35 19.34
C LYS A 191 48.75 -52.12 19.06
N ILE A 192 48.97 -52.51 17.80
CA ILE A 192 50.20 -53.21 17.44
C ILE A 192 51.41 -52.32 17.68
N ARG A 193 51.32 -51.05 17.26
CA ARG A 193 52.40 -50.10 17.50
C ARG A 193 52.69 -49.99 18.99
N ASP A 194 51.64 -49.89 19.80
CA ASP A 194 51.83 -49.77 21.24
C ASP A 194 52.53 -51.00 21.80
N ARG A 195 52.13 -52.19 21.36
CA ARG A 195 52.77 -53.42 21.85
C ARG A 195 54.25 -53.45 21.47
N VAL A 196 54.56 -53.14 20.20
CA VAL A 196 55.94 -53.23 19.74
C VAL A 196 56.81 -52.22 20.46
N GLN A 197 56.36 -50.96 20.54
CA GLN A 197 57.12 -49.94 21.25
C GLN A 197 57.25 -50.28 22.72
N SER A 198 56.22 -50.88 23.32
CA SER A 198 56.30 -51.25 24.72
C SER A 198 57.40 -52.28 24.94
N TRP A 199 57.46 -53.31 24.08
CA TRP A 199 58.53 -54.28 24.23
C TRP A 199 59.90 -53.62 24.05
N TYR A 200 60.04 -52.76 23.04
CA TYR A 200 61.34 -52.13 22.81
C TYR A 200 61.77 -51.26 23.98
N HIS A 201 60.85 -50.44 24.52
CA HIS A 201 61.21 -49.56 25.61
C HIS A 201 61.47 -50.34 26.89
N GLU A 202 60.72 -51.41 27.13
CA GLU A 202 60.95 -52.25 28.29
C GLU A 202 62.24 -53.05 28.18
N GLU A 203 62.73 -53.27 26.96
CA GLU A 203 63.97 -54.01 26.77
C GLU A 203 65.22 -53.15 26.95
N GLY A 204 65.07 -51.82 26.98
CA GLY A 204 66.20 -50.93 27.12
C GLY A 204 66.51 -50.10 25.90
N TYR A 205 65.72 -50.20 24.83
CA TYR A 205 65.91 -49.39 23.64
C TYR A 205 65.01 -48.18 23.80
N ALA A 206 65.57 -47.12 24.41
CA ALA A 206 64.76 -46.03 24.92
C ALA A 206 64.21 -45.16 23.79
N CYS A 207 64.95 -45.00 22.70
CA CYS A 207 64.51 -44.16 21.59
C CYS A 207 63.92 -44.98 20.44
N ALA A 208 63.55 -46.24 20.70
CA ALA A 208 62.91 -47.04 19.68
C ALA A 208 61.55 -46.47 19.34
N GLN A 209 61.16 -46.59 18.07
CA GLN A 209 59.95 -45.95 17.60
C GLN A 209 59.42 -46.69 16.39
N VAL A 210 58.13 -47.04 16.42
CA VAL A 210 57.45 -47.54 15.25
C VAL A 210 57.10 -46.33 14.38
N VAL A 211 57.72 -46.23 13.21
CA VAL A 211 57.56 -45.04 12.40
C VAL A 211 56.48 -45.19 11.34
N ASN A 212 56.04 -46.41 11.03
CA ASN A 212 55.07 -46.59 9.96
C ASN A 212 54.64 -48.04 9.91
N PHE A 213 53.50 -48.25 9.27
CA PHE A 213 53.08 -49.56 8.76
C PHE A 213 52.90 -49.41 7.26
N GLY A 214 53.26 -50.45 6.51
CA GLY A 214 53.12 -50.39 5.07
C GLY A 214 52.76 -51.73 4.47
N ASN A 215 52.74 -51.79 3.13
CA ASN A 215 52.27 -52.96 2.40
C ASN A 215 50.85 -53.34 2.81
N LEU A 216 50.04 -52.33 3.13
CA LEU A 216 48.68 -52.57 3.59
C LEU A 216 47.79 -53.15 2.50
N ASN A 217 48.22 -53.08 1.24
CA ASN A 217 47.49 -53.68 0.14
C ASN A 217 47.72 -55.18 0.00
N THR A 218 48.58 -55.76 0.83
CA THR A 218 48.90 -57.19 0.78
C THR A 218 48.36 -57.88 2.03
N ARG A 219 48.50 -59.20 2.05
CA ARG A 219 48.09 -60.01 3.20
C ARG A 219 49.01 -59.84 4.39
N GLU A 220 50.15 -59.16 4.23
CA GLU A 220 51.18 -59.08 5.25
C GLU A 220 51.37 -57.61 5.66
N VAL A 221 51.01 -57.29 6.89
CA VAL A 221 51.25 -55.96 7.43
C VAL A 221 52.72 -55.86 7.81
N VAL A 222 53.39 -54.80 7.37
CA VAL A 222 54.81 -54.61 7.65
C VAL A 222 54.95 -53.44 8.62
N CYS A 223 55.59 -53.69 9.75
CA CYS A 223 55.80 -52.69 10.79
C CYS A 223 57.23 -52.18 10.68
N GLU A 224 57.38 -50.86 10.53
CA GLU A 224 58.69 -50.23 10.41
C GLU A 224 59.09 -49.63 11.74
N VAL A 225 60.27 -50.00 12.24
CA VAL A 225 60.77 -49.46 13.49
C VAL A 225 62.16 -48.90 13.27
N VAL A 226 62.47 -47.84 14.01
CA VAL A 226 63.84 -47.36 14.19
C VAL A 226 64.22 -47.69 15.62
N GLU A 227 65.31 -48.45 15.78
CA GLU A 227 65.62 -49.00 17.09
C GLU A 227 66.48 -48.05 17.93
N GLY A 228 67.53 -47.48 17.32
CA GLY A 228 68.38 -46.58 18.07
C GLY A 228 69.17 -47.30 19.15
N ASP A 229 69.54 -46.54 20.18
CA ASP A 229 70.36 -47.04 21.29
C ASP A 229 71.56 -47.85 20.82
N ALA B 115 -36.78 63.62 -4.23
CA ALA B 115 -35.86 64.74 -4.38
C ALA B 115 -36.35 65.72 -5.46
N ASP B 116 -37.19 66.67 -5.05
CA ASP B 116 -37.72 67.68 -5.95
C ASP B 116 -36.97 69.01 -5.92
N ARG B 117 -36.17 69.29 -4.88
CA ARG B 117 -35.70 70.64 -4.63
C ARG B 117 -34.19 70.71 -4.53
N PHE B 118 -33.68 71.90 -4.81
CA PHE B 118 -32.25 72.19 -4.76
C PHE B 118 -32.05 73.56 -4.16
N ARG B 119 -31.13 73.65 -3.21
CA ARG B 119 -30.77 74.89 -2.55
C ARG B 119 -29.25 75.03 -2.54
N CYS B 120 -28.78 76.27 -2.62
CA CYS B 120 -27.36 76.57 -2.60
C CYS B 120 -27.08 77.53 -1.44
N ILE B 121 -26.11 77.17 -0.58
CA ILE B 121 -25.72 78.01 0.54
C ILE B 121 -24.23 78.30 0.48
N ASN B 122 -23.88 79.53 0.80
CA ASN B 122 -22.50 80.00 0.89
C ASN B 122 -21.97 79.75 2.30
N VAL B 123 -20.91 78.94 2.41
CA VAL B 123 -20.32 78.61 3.70
C VAL B 123 -18.88 79.11 3.78
N GLY B 124 -18.52 80.09 2.96
CA GLY B 124 -17.17 80.63 2.99
C GLY B 124 -16.87 81.30 4.31
N LEU B 125 -17.84 82.05 4.85
CA LEU B 125 -17.61 82.83 6.05
C LEU B 125 -17.63 81.93 7.27
N MET B 126 -18.40 80.85 7.23
CA MET B 126 -18.50 79.93 8.35
C MET B 126 -17.18 79.19 8.52
N GLY B 127 -17.05 78.53 9.67
CA GLY B 127 -15.86 77.72 9.90
C GLY B 127 -15.69 76.61 8.89
N GLN B 128 -16.81 76.03 8.44
CA GLN B 128 -16.80 74.88 7.54
C GLN B 128 -15.93 73.78 8.12
N SER B 129 -14.93 73.34 7.38
CA SER B 129 -13.87 72.45 7.89
C SER B 129 -14.46 71.29 8.71
N LYS B 130 -15.23 70.46 8.03
CA LYS B 130 -16.16 69.54 8.70
C LYS B 130 -15.44 68.28 9.19
N PRO B 131 -15.42 68.01 10.51
CA PRO B 131 -14.83 66.76 11.03
C PRO B 131 -15.84 65.64 11.24
N VAL B 132 -15.36 64.38 11.27
CA VAL B 132 -16.19 63.19 11.12
C VAL B 132 -16.00 62.17 12.24
N GLU B 133 -15.76 62.62 13.47
CA GLU B 133 -15.29 61.75 14.58
C GLU B 133 -16.41 60.90 15.21
N MET B 134 -16.49 59.62 14.81
CA MET B 134 -17.50 58.73 15.38
C MET B 134 -17.06 58.13 16.71
N ASP B 135 -18.03 58.01 17.66
CA ASP B 135 -17.84 57.33 18.94
C ASP B 135 -17.88 55.81 18.81
N PRO B 136 -17.10 55.08 19.62
CA PRO B 136 -17.04 53.63 19.50
C PRO B 136 -18.16 52.94 20.28
N ASP B 137 -18.60 51.80 19.74
CA ASP B 137 -19.61 50.93 20.36
C ASP B 137 -20.89 51.69 20.75
N MET B 138 -21.43 52.44 19.80
CA MET B 138 -22.66 53.19 20.05
C MET B 138 -23.85 52.24 20.15
N SER B 139 -24.72 52.52 21.12
CA SER B 139 -25.97 51.77 21.23
C SER B 139 -26.97 52.27 20.18
N GLU B 140 -28.09 51.55 20.07
CA GLU B 140 -29.14 51.92 19.14
C GLU B 140 -29.66 53.34 19.40
N LYS B 141 -29.97 53.65 20.66
CA LYS B 141 -30.44 54.99 20.97
C LYS B 141 -29.37 56.04 20.69
N GLU B 142 -28.10 55.70 20.87
CA GLU B 142 -27.05 56.66 20.56
C GLU B 142 -26.92 56.89 19.05
N LYS B 143 -27.14 55.84 18.25
CA LYS B 143 -27.19 56.04 16.80
C LYS B 143 -28.34 56.96 16.40
N ILE B 144 -29.52 56.73 17.00
CA ILE B 144 -30.66 57.59 16.72
C ILE B 144 -30.36 59.04 17.12
N GLU B 145 -29.75 59.22 18.29
CA GLU B 145 -29.41 60.56 18.75
C GLU B 145 -28.38 61.20 17.85
N PHE B 146 -27.47 60.42 17.27
CA PHE B 146 -26.52 60.97 16.31
C PHE B 146 -27.22 61.48 15.06
N PHE B 147 -28.17 60.70 14.53
CA PHE B 147 -28.89 61.16 13.35
C PHE B 147 -29.68 62.44 13.65
N ARG B 148 -30.35 62.48 14.81
CA ARG B 148 -31.12 63.66 15.18
C ARG B 148 -30.22 64.88 15.37
N ARG B 149 -29.07 64.68 16.02
CA ARG B 149 -28.10 65.75 16.20
C ARG B 149 -27.63 66.29 14.85
N GLN B 150 -27.33 65.40 13.91
CA GLN B 150 -26.87 65.85 12.60
C GLN B 150 -27.95 66.66 11.90
N GLU B 151 -29.21 66.22 11.98
CA GLU B 151 -30.31 66.96 11.36
C GLU B 151 -30.43 68.36 11.95
N ARG B 152 -30.42 68.46 13.28
CA ARG B 152 -30.56 69.76 13.92
C ARG B 152 -29.39 70.67 13.58
N GLU B 153 -28.17 70.12 13.59
CA GLU B 153 -27.00 70.93 13.27
C GLU B 153 -27.01 71.37 11.82
N TYR B 154 -27.53 70.56 10.89
CA TYR B 154 -27.58 71.03 9.52
C TYR B 154 -28.63 72.12 9.35
N LYS B 155 -29.75 72.04 10.08
CA LYS B 155 -30.70 73.15 10.07
C LYS B 155 -30.01 74.44 10.50
N ARG B 156 -29.25 74.38 11.60
CA ARG B 156 -28.52 75.55 12.06
C ARG B 156 -27.49 76.01 11.03
N ARG B 157 -26.82 75.07 10.36
CA ARG B 157 -25.82 75.40 9.36
C ARG B 157 -26.44 76.15 8.19
N ILE B 158 -27.61 75.70 7.74
CA ILE B 158 -28.32 76.45 6.70
C ILE B 158 -28.66 77.84 7.19
N SER B 159 -29.13 77.95 8.44
CA SER B 159 -29.54 79.24 8.98
C SER B 159 -28.37 80.22 9.06
N SER B 160 -27.19 79.73 9.40
CA SER B 160 -26.02 80.57 9.60
C SER B 160 -25.26 80.90 8.31
N ALA B 161 -25.60 80.26 7.20
CA ALA B 161 -24.91 80.48 5.93
C ALA B 161 -25.48 81.69 5.19
N ARG B 162 -24.74 82.13 4.17
CA ARG B 162 -25.09 83.24 3.30
C ARG B 162 -25.69 82.72 1.99
N PRO B 163 -26.49 83.54 1.30
CA PRO B 163 -27.03 83.11 0.01
C PRO B 163 -25.97 82.99 -1.07
N CYS B 164 -26.26 82.15 -2.06
CA CYS B 164 -25.39 81.96 -3.22
C CYS B 164 -25.65 83.00 -4.29
N LEU B 165 -24.63 83.27 -5.10
CA LEU B 165 -24.79 84.07 -6.31
C LEU B 165 -25.45 83.30 -7.45
N LEU B 166 -25.51 81.97 -7.35
CA LEU B 166 -26.03 81.11 -8.42
C LEU B 166 -27.43 81.56 -8.84
N PRO B 167 -27.64 81.91 -10.10
CA PRO B 167 -28.93 82.43 -10.55
C PRO B 167 -29.94 81.32 -10.78
N THR B 168 -31.19 81.75 -11.01
CA THR B 168 -32.30 80.81 -11.18
C THR B 168 -32.10 79.89 -12.37
N SER B 169 -31.46 80.37 -13.44
CA SER B 169 -31.32 79.55 -14.63
C SER B 169 -30.54 78.26 -14.34
N VAL B 170 -29.44 78.37 -13.61
CA VAL B 170 -28.68 77.18 -13.22
C VAL B 170 -29.48 76.31 -12.26
N HIS B 171 -30.26 76.94 -11.37
CA HIS B 171 -31.10 76.15 -10.48
C HIS B 171 -32.10 75.33 -11.26
N GLU B 172 -32.70 75.91 -12.30
CA GLU B 172 -33.66 75.19 -13.11
C GLU B 172 -33.00 74.07 -13.90
N GLU B 173 -31.79 74.31 -14.41
CA GLU B 173 -31.05 73.21 -15.06
C GLU B 173 -30.82 72.06 -14.08
N ILE B 174 -30.43 72.38 -12.84
CA ILE B 174 -30.19 71.34 -11.84
C ILE B 174 -31.48 70.59 -11.51
N LYS B 175 -32.59 71.32 -11.34
CA LYS B 175 -33.87 70.66 -11.08
C LYS B 175 -34.25 69.77 -12.25
N ASP B 176 -33.95 70.19 -13.47
CA ASP B 176 -34.24 69.37 -14.65
C ASP B 176 -33.40 68.10 -14.65
N MET B 177 -32.13 68.19 -14.25
CA MET B 177 -31.30 66.99 -14.13
C MET B 177 -31.88 66.04 -13.08
N LEU B 178 -32.36 66.60 -11.96
CA LEU B 178 -32.95 65.77 -10.91
C LEU B 178 -34.20 65.07 -11.41
N ALA B 179 -35.05 65.78 -12.16
CA ALA B 179 -36.27 65.17 -12.67
C ALA B 179 -35.97 64.18 -13.79
N GLU B 180 -34.89 64.40 -14.55
CA GLU B 180 -34.52 63.48 -15.61
C GLU B 180 -34.05 62.16 -15.04
N GLN B 181 -33.20 62.19 -14.01
CA GLN B 181 -32.78 60.93 -13.42
C GLN B 181 -33.80 60.42 -12.40
N GLY B 182 -34.54 61.32 -11.76
CA GLY B 182 -35.55 60.93 -10.79
C GLY B 182 -35.00 60.27 -9.55
N ARG B 183 -33.69 60.33 -9.38
CA ARG B 183 -33.01 59.64 -8.29
C ARG B 183 -31.71 60.37 -7.98
N VAL B 184 -31.43 60.57 -6.69
CA VAL B 184 -30.17 61.16 -6.30
C VAL B 184 -29.12 60.05 -6.22
N SER B 185 -27.90 60.37 -6.65
CA SER B 185 -26.80 59.41 -6.61
C SER B 185 -25.50 60.20 -6.63
N ALA B 186 -24.39 59.49 -6.44
CA ALA B 186 -23.09 60.16 -6.34
C ALA B 186 -22.70 60.81 -7.66
N ARG B 187 -22.94 60.11 -8.78
CA ARG B 187 -22.56 60.63 -10.09
C ARG B 187 -23.39 61.86 -10.44
N LEU B 188 -24.68 61.83 -10.09
CA LEU B 188 -25.53 62.97 -10.36
C LEU B 188 -25.08 64.17 -9.56
N LEU B 189 -24.69 63.95 -8.30
CA LEU B 189 -24.15 65.05 -7.50
C LEU B 189 -22.84 65.55 -8.10
N GLN B 190 -22.02 64.66 -8.65
CA GLN B 190 -20.80 65.09 -9.32
C GLN B 190 -21.11 65.99 -10.51
N LYS B 191 -22.10 65.60 -11.31
CA LYS B 191 -22.52 66.42 -12.45
C LYS B 191 -23.04 67.77 -11.99
N ILE B 192 -23.84 67.78 -10.91
CA ILE B 192 -24.37 69.04 -10.39
C ILE B 192 -23.23 69.95 -9.93
N ARG B 193 -22.26 69.38 -9.21
CA ARG B 193 -21.09 70.13 -8.78
C ARG B 193 -20.36 70.73 -9.96
N ASP B 194 -20.17 69.95 -11.03
CA ASP B 194 -19.48 70.46 -12.21
C ASP B 194 -20.24 71.63 -12.82
N ARG B 195 -21.57 71.52 -12.92
CA ARG B 195 -22.36 72.61 -13.48
C ARG B 195 -22.24 73.89 -12.63
N VAL B 196 -22.35 73.74 -11.31
CA VAL B 196 -22.31 74.91 -10.43
C VAL B 196 -20.95 75.59 -10.50
N GLN B 197 -19.88 74.79 -10.39
CA GLN B 197 -18.54 75.34 -10.48
C GLN B 197 -18.29 75.97 -11.84
N SER B 198 -18.88 75.41 -12.91
CA SER B 198 -18.74 75.99 -14.23
C SER B 198 -19.34 77.38 -14.29
N TRP B 199 -20.54 77.54 -13.75
CA TRP B 199 -21.13 78.88 -13.73
C TRP B 199 -20.25 79.85 -12.96
N TYR B 200 -19.74 79.41 -11.79
CA TYR B 200 -18.91 80.32 -11.00
C TYR B 200 -17.65 80.73 -11.74
N HIS B 201 -16.99 79.77 -12.39
CA HIS B 201 -15.74 80.08 -13.08
C HIS B 201 -16.01 80.96 -14.30
N GLU B 202 -17.12 80.73 -15.00
CA GLU B 202 -17.46 81.61 -16.12
C GLU B 202 -17.82 83.01 -15.65
N GLU B 203 -18.24 83.18 -14.40
CA GLU B 203 -18.55 84.51 -13.89
C GLU B 203 -17.32 85.28 -13.41
N GLY B 204 -16.19 84.62 -13.21
CA GLY B 204 -14.98 85.28 -12.73
C GLY B 204 -14.57 84.93 -11.33
N TYR B 205 -15.26 84.00 -10.67
CA TYR B 205 -14.89 83.55 -9.33
C TYR B 205 -14.01 82.31 -9.49
N ALA B 206 -12.71 82.53 -9.56
CA ALA B 206 -11.78 81.48 -9.97
C ALA B 206 -11.57 80.42 -8.89
N CYS B 207 -11.62 80.81 -7.62
CA CYS B 207 -11.43 79.86 -6.53
C CYS B 207 -12.73 79.40 -5.89
N ALA B 208 -13.84 79.57 -6.60
CA ALA B 208 -15.12 79.04 -6.13
C ALA B 208 -15.08 77.51 -6.13
N GLN B 209 -15.75 76.92 -5.16
CA GLN B 209 -15.69 75.47 -4.98
C GLN B 209 -16.94 74.97 -4.28
N VAL B 210 -17.55 73.92 -4.83
CA VAL B 210 -18.58 73.18 -4.12
C VAL B 210 -17.89 72.24 -3.15
N VAL B 211 -18.11 72.47 -1.85
CA VAL B 211 -17.38 71.71 -0.84
C VAL B 211 -18.16 70.52 -0.29
N ASN B 212 -19.48 70.44 -0.53
CA ASN B 212 -20.27 69.36 0.01
C ASN B 212 -21.71 69.46 -0.51
N PHE B 213 -22.43 68.35 -0.39
CA PHE B 213 -23.87 68.32 -0.48
C PHE B 213 -24.41 67.72 0.81
N GLY B 214 -25.54 68.26 1.27
CA GLY B 214 -26.16 67.79 2.49
C GLY B 214 -27.68 67.85 2.45
N ASN B 215 -28.30 67.55 3.58
CA ASN B 215 -29.75 67.40 3.69
C ASN B 215 -30.27 66.36 2.72
N LEU B 216 -29.46 65.32 2.47
CA LEU B 216 -29.84 64.28 1.52
C LEU B 216 -31.00 63.42 2.01
N ASN B 217 -31.31 63.47 3.31
CA ASN B 217 -32.45 62.75 3.85
C ASN B 217 -33.78 63.46 3.59
N THR B 218 -33.74 64.66 3.00
CA THR B 218 -34.93 65.43 2.73
C THR B 218 -35.17 65.49 1.23
N ARG B 219 -36.31 66.09 0.86
CA ARG B 219 -36.62 66.28 -0.56
C ARG B 219 -35.74 67.34 -1.21
N GLU B 220 -34.95 68.07 -0.43
CA GLU B 220 -34.21 69.23 -0.91
C GLU B 220 -32.71 69.01 -0.72
N VAL B 221 -31.98 68.88 -1.81
CA VAL B 221 -30.52 68.74 -1.78
C VAL B 221 -29.91 70.12 -1.54
N VAL B 222 -28.97 70.21 -0.59
CA VAL B 222 -28.33 71.48 -0.27
C VAL B 222 -26.88 71.42 -0.73
N CYS B 223 -26.48 72.38 -1.56
CA CYS B 223 -25.13 72.46 -2.11
C CYS B 223 -24.37 73.55 -1.35
N GLU B 224 -23.23 73.19 -0.76
CA GLU B 224 -22.42 74.12 0.01
C GLU B 224 -21.29 74.62 -0.88
N VAL B 225 -21.18 75.95 -1.03
CA VAL B 225 -20.15 76.53 -1.87
C VAL B 225 -19.37 77.57 -1.07
N VAL B 226 -18.09 77.67 -1.41
CA VAL B 226 -17.24 78.80 -1.01
C VAL B 226 -16.98 79.61 -2.28
N GLU B 227 -17.35 80.89 -2.26
CA GLU B 227 -17.30 81.68 -3.48
C GLU B 227 -15.98 82.41 -3.68
N GLY B 228 -15.44 83.02 -2.62
CA GLY B 228 -14.19 83.77 -2.74
C GLY B 228 -14.34 85.08 -3.52
N ASP B 229 -13.23 85.52 -4.09
CA ASP B 229 -13.15 86.83 -4.74
C ASP B 229 -13.43 86.74 -6.24
N ILE B 230 -13.93 87.85 -6.78
CA ILE B 230 -14.18 88.00 -8.21
C ILE B 230 -12.89 88.45 -8.88
N THR B 231 -12.67 87.95 -10.10
CA THR B 231 -11.61 88.48 -10.94
C THR B 231 -12.08 89.80 -11.56
N LYS B 232 -11.23 90.81 -11.52
CA LYS B 232 -11.58 92.18 -11.91
C LYS B 232 -12.69 92.73 -11.01
N VAL C 5 34.66 -43.43 -18.28
CA VAL C 5 34.38 -43.64 -16.86
C VAL C 5 32.94 -43.21 -16.53
N GLN C 6 32.15 -44.16 -16.04
CA GLN C 6 30.76 -43.91 -15.71
C GLN C 6 30.34 -44.83 -14.57
N LEU C 7 29.52 -44.30 -13.65
CA LEU C 7 28.90 -45.08 -12.60
C LEU C 7 27.39 -45.04 -12.75
N VAL C 8 26.74 -46.18 -12.58
CA VAL C 8 25.28 -46.28 -12.71
C VAL C 8 24.73 -46.98 -11.49
N GLU C 9 23.87 -46.30 -10.72
CA GLU C 9 23.15 -46.91 -9.62
C GLU C 9 21.89 -47.59 -10.13
N SER C 10 21.56 -48.73 -9.51
CA SER C 10 20.34 -49.47 -9.79
C SER C 10 19.80 -50.06 -8.50
N GLY C 11 18.53 -50.43 -8.51
CA GLY C 11 17.93 -51.19 -7.43
C GLY C 11 17.13 -50.41 -6.40
N GLY C 12 17.03 -49.10 -6.54
CA GLY C 12 16.24 -48.33 -5.60
C GLY C 12 14.75 -48.53 -5.81
N GLY C 13 13.97 -48.12 -4.82
CA GLY C 13 12.53 -48.23 -4.91
C GLY C 13 11.86 -48.00 -3.56
N LEU C 14 10.62 -48.46 -3.46
CA LEU C 14 9.82 -48.30 -2.25
C LEU C 14 9.84 -49.59 -1.46
N VAL C 15 10.11 -49.48 -0.16
CA VAL C 15 10.22 -50.64 0.71
C VAL C 15 9.60 -50.32 2.06
N GLN C 16 8.98 -51.32 2.67
CA GLN C 16 8.34 -51.13 3.97
C GLN C 16 9.39 -51.06 5.07
N PRO C 17 9.09 -50.39 6.18
CA PRO C 17 10.03 -50.35 7.31
C PRO C 17 10.36 -51.75 7.79
N GLY C 18 11.63 -51.95 8.15
CA GLY C 18 12.14 -53.26 8.49
C GLY C 18 12.43 -54.15 7.31
N GLY C 19 12.18 -53.68 6.09
CA GLY C 19 12.43 -54.47 4.90
C GLY C 19 13.88 -54.41 4.48
N SER C 20 14.15 -54.99 3.32
CA SER C 20 15.51 -55.10 2.79
C SER C 20 15.51 -54.71 1.31
N LEU C 21 16.66 -54.21 0.87
CA LEU C 21 16.81 -53.74 -0.50
C LEU C 21 18.29 -53.81 -0.85
N ARG C 22 18.59 -54.21 -2.08
CA ARG C 22 19.96 -54.33 -2.56
C ARG C 22 20.19 -53.36 -3.69
N LEU C 23 21.06 -52.38 -3.49
CA LEU C 23 21.43 -51.45 -4.55
C LEU C 23 22.74 -51.87 -5.19
N SER C 24 22.82 -51.65 -6.49
CA SER C 24 23.99 -51.99 -7.28
C SER C 24 24.57 -50.73 -7.91
N CYS C 25 25.89 -50.73 -8.09
CA CYS C 25 26.63 -49.64 -8.69
C CYS C 25 27.57 -50.23 -9.74
N ALA C 26 27.21 -50.11 -11.02
CA ALA C 26 28.06 -50.61 -12.08
C ALA C 26 28.99 -49.48 -12.49
N ALA C 27 30.30 -49.67 -12.24
CA ALA C 27 31.32 -48.68 -12.56
C ALA C 27 32.19 -49.18 -13.72
N SER C 28 32.07 -48.55 -14.87
CA SER C 28 32.83 -48.92 -16.06
C SER C 28 33.85 -47.84 -16.39
N GLY C 29 35.00 -48.25 -16.94
CA GLY C 29 35.98 -47.32 -17.43
C GLY C 29 37.27 -47.16 -16.65
N PHE C 30 37.53 -47.98 -15.63
CA PHE C 30 38.79 -47.86 -14.90
C PHE C 30 39.17 -49.22 -14.33
N ASN C 31 40.20 -49.24 -13.49
CA ASN C 31 40.74 -50.47 -12.92
C ASN C 31 40.19 -50.57 -11.51
N PHE C 32 39.20 -51.45 -11.34
CA PHE C 32 38.50 -51.62 -10.07
C PHE C 32 39.43 -51.96 -8.92
N TYR C 33 40.52 -52.68 -9.21
CA TYR C 33 41.50 -53.07 -8.19
C TYR C 33 42.34 -51.92 -7.67
N TYR C 34 42.19 -50.70 -8.17
CA TYR C 34 42.97 -49.58 -7.66
C TYR C 34 42.12 -48.42 -7.15
N SER C 35 40.80 -48.57 -7.09
CA SER C 35 39.93 -47.50 -6.62
C SER C 35 38.90 -48.04 -5.63
N SER C 36 38.56 -47.20 -4.67
CA SER C 36 37.48 -47.47 -3.73
C SER C 36 36.15 -47.00 -4.30
N ILE C 37 35.09 -47.69 -3.91
CA ILE C 37 33.71 -47.29 -4.23
C ILE C 37 33.03 -46.88 -2.93
N HIS C 38 32.41 -45.70 -2.95
CA HIS C 38 31.69 -45.14 -1.81
C HIS C 38 30.21 -45.05 -2.11
N TRP C 39 29.40 -45.31 -1.09
CA TRP C 39 27.97 -45.01 -1.09
C TRP C 39 27.76 -43.82 -0.17
N VAL C 40 27.14 -42.76 -0.71
CA VAL C 40 26.84 -41.51 -0.01
C VAL C 40 25.36 -41.20 -0.24
N ARG C 41 24.63 -40.88 0.82
CA ARG C 41 23.21 -40.64 0.67
C ARG C 41 22.85 -39.20 1.05
N GLN C 42 21.69 -38.78 0.56
CA GLN C 42 21.15 -37.45 0.87
C GLN C 42 19.65 -37.59 1.13
N ALA C 43 19.26 -37.43 2.39
CA ALA C 43 17.85 -37.40 2.72
C ALA C 43 17.22 -36.10 2.25
N PRO C 44 15.90 -36.08 2.01
CA PRO C 44 15.26 -34.84 1.54
C PRO C 44 15.51 -33.64 2.46
N GLY C 45 16.05 -32.57 1.91
CA GLY C 45 16.30 -31.36 2.68
C GLY C 45 17.40 -31.50 3.71
N LYS C 46 18.34 -32.40 3.50
CA LYS C 46 19.45 -32.60 4.43
C LYS C 46 20.74 -32.70 3.63
N GLY C 47 21.87 -32.66 4.34
CA GLY C 47 23.15 -32.68 3.68
C GLY C 47 23.60 -34.07 3.27
N LEU C 48 24.74 -34.11 2.59
CA LEU C 48 25.36 -35.37 2.20
C LEU C 48 25.80 -36.16 3.42
N GLU C 49 25.53 -37.46 3.41
CA GLU C 49 25.96 -38.34 4.48
C GLU C 49 26.69 -39.53 3.87
N TRP C 50 27.97 -39.68 4.21
CA TRP C 50 28.71 -40.84 3.75
C TRP C 50 28.17 -42.08 4.44
N VAL C 51 27.94 -43.14 3.65
CA VAL C 51 27.33 -44.37 4.14
C VAL C 51 28.37 -45.47 4.29
N ALA C 52 29.08 -45.80 3.20
CA ALA C 52 30.01 -46.93 3.30
C ALA C 52 31.02 -46.86 2.17
N SER C 53 32.11 -47.62 2.32
CA SER C 53 33.14 -47.67 1.29
C SER C 53 33.71 -49.06 1.22
N ILE C 54 34.17 -49.44 0.03
CA ILE C 54 34.91 -50.68 -0.16
C ILE C 54 36.11 -50.40 -1.05
N SER C 55 37.29 -50.80 -0.58
CA SER C 55 38.53 -50.72 -1.34
C SER C 55 38.94 -52.11 -1.75
N SER C 56 39.02 -52.35 -3.06
CA SER C 56 39.52 -53.62 -3.56
C SER C 56 41.04 -53.68 -3.48
N TYR C 57 41.71 -52.53 -3.58
CA TYR C 57 43.17 -52.51 -3.50
C TYR C 57 43.66 -52.86 -2.10
N TYR C 58 43.03 -52.31 -1.07
CA TYR C 58 43.34 -52.68 0.31
C TYR C 58 42.44 -53.79 0.85
N GLY C 59 41.51 -54.31 0.05
CA GLY C 59 40.63 -55.37 0.49
C GLY C 59 39.83 -55.08 1.74
N SER C 60 39.30 -53.86 1.85
CA SER C 60 38.75 -53.36 3.10
C SER C 60 37.35 -52.83 2.85
N THR C 61 36.54 -52.81 3.91
CA THR C 61 35.25 -52.12 3.89
C THR C 61 35.17 -51.24 5.13
N SER C 62 34.40 -50.16 5.01
CA SER C 62 34.19 -49.24 6.10
C SER C 62 32.74 -48.79 6.10
N TYR C 63 32.23 -48.47 7.28
CA TYR C 63 30.83 -48.11 7.45
C TYR C 63 30.71 -46.91 8.38
N ALA C 64 29.69 -46.10 8.12
CA ALA C 64 29.31 -45.08 9.08
C ALA C 64 28.56 -45.74 10.23
N ASP C 65 28.68 -45.15 11.42
CA ASP C 65 28.10 -45.77 12.60
C ASP C 65 26.59 -45.90 12.48
N SER C 66 25.94 -44.98 11.77
CA SER C 66 24.49 -44.99 11.64
C SER C 66 23.95 -46.18 10.86
N VAL C 67 24.81 -46.93 10.15
CA VAL C 67 24.37 -48.07 9.37
C VAL C 67 25.10 -49.36 9.72
N LYS C 68 26.05 -49.33 10.64
CA LYS C 68 26.82 -50.53 10.97
C LYS C 68 25.89 -51.62 11.48
N GLY C 69 26.03 -52.82 10.89
CA GLY C 69 25.21 -53.94 11.25
C GLY C 69 23.98 -54.12 10.39
N ARG C 70 23.37 -53.02 9.93
CA ARG C 70 22.21 -53.10 9.05
C ARG C 70 22.61 -53.17 7.59
N PHE C 71 23.65 -52.45 7.19
CA PHE C 71 24.08 -52.37 5.80
C PHE C 71 25.35 -53.18 5.62
N THR C 72 25.46 -53.84 4.46
CA THR C 72 26.65 -54.57 4.08
C THR C 72 27.06 -54.09 2.69
N ILE C 73 28.27 -53.60 2.56
CA ILE C 73 28.81 -53.21 1.27
C ILE C 73 29.65 -54.37 0.76
N SER C 74 29.64 -54.56 -0.56
CA SER C 74 30.36 -55.67 -1.15
C SER C 74 30.69 -55.31 -2.59
N ALA C 75 31.39 -56.22 -3.27
CA ALA C 75 31.78 -55.95 -4.66
C ALA C 75 31.93 -57.26 -5.41
N ASP C 76 31.50 -57.24 -6.67
CA ASP C 76 31.80 -58.29 -7.65
C ASP C 76 32.81 -57.63 -8.58
N THR C 77 34.08 -57.98 -8.39
CA THR C 77 35.16 -57.36 -9.13
C THR C 77 35.15 -57.77 -10.59
N SER C 78 34.68 -58.99 -10.89
CA SER C 78 34.64 -59.44 -12.27
C SER C 78 33.60 -58.68 -13.08
N LYS C 79 32.49 -58.33 -12.46
CA LYS C 79 31.43 -57.57 -13.08
C LYS C 79 31.59 -56.05 -12.96
N ASN C 80 32.64 -55.58 -12.30
CA ASN C 80 32.86 -54.15 -12.12
C ASN C 80 31.71 -53.51 -11.33
N THR C 81 31.17 -54.23 -10.35
CA THR C 81 30.00 -53.74 -9.65
C THR C 81 30.21 -53.75 -8.15
N ALA C 82 29.65 -52.74 -7.49
CA ALA C 82 29.61 -52.68 -6.03
C ALA C 82 28.17 -52.79 -5.58
N TYR C 83 27.97 -53.29 -4.36
CA TYR C 83 26.63 -53.52 -3.86
C TYR C 83 26.50 -52.94 -2.45
N LEU C 84 25.30 -52.47 -2.17
CA LEU C 84 24.92 -52.04 -0.83
C LEU C 84 23.64 -52.80 -0.48
N GLN C 85 23.79 -53.80 0.38
CA GLN C 85 22.65 -54.55 0.92
C GLN C 85 22.18 -53.84 2.17
N MET C 86 20.94 -53.38 2.16
CA MET C 86 20.37 -52.61 3.25
C MET C 86 19.28 -53.44 3.89
N ASN C 87 19.49 -53.79 5.16
CA ASN C 87 18.53 -54.55 5.94
C ASN C 87 18.02 -53.68 7.08
N SER C 88 16.85 -54.06 7.62
CA SER C 88 16.21 -53.35 8.73
C SER C 88 16.09 -51.86 8.42
N LEU C 89 15.50 -51.55 7.27
CA LEU C 89 15.41 -50.17 6.83
C LEU C 89 14.41 -49.39 7.67
N ARG C 90 14.76 -48.12 7.94
CA ARG C 90 13.95 -47.20 8.72
C ARG C 90 13.56 -46.01 7.87
N ALA C 91 12.53 -45.29 8.32
CA ALA C 91 12.08 -44.10 7.62
C ALA C 91 13.20 -43.11 7.41
N GLU C 92 14.13 -43.01 8.38
CA GLU C 92 15.23 -42.07 8.26
C GLU C 92 16.26 -42.49 7.22
N ASP C 93 16.18 -43.71 6.70
CA ASP C 93 17.01 -44.15 5.59
C ASP C 93 16.47 -43.72 4.22
N THR C 94 15.26 -43.18 4.17
CA THR C 94 14.72 -42.62 2.93
C THR C 94 15.67 -41.54 2.40
N ALA C 95 16.17 -41.72 1.18
CA ALA C 95 17.17 -40.80 0.67
C ALA C 95 17.50 -41.14 -0.78
N VAL C 96 18.20 -40.22 -1.43
CA VAL C 96 18.87 -40.50 -2.68
C VAL C 96 20.24 -41.09 -2.38
N TYR C 97 20.52 -42.26 -2.93
CA TYR C 97 21.79 -42.92 -2.74
C TYR C 97 22.63 -42.78 -4.00
N TYR C 98 23.85 -42.26 -3.83
CA TYR C 98 24.83 -42.14 -4.90
C TYR C 98 25.99 -43.08 -4.62
N CYS C 99 26.59 -43.61 -5.68
CA CYS C 99 27.89 -44.23 -5.56
C CYS C 99 28.91 -43.35 -6.27
N ALA C 100 30.14 -43.42 -5.76
CA ALA C 100 31.21 -42.55 -6.23
C ALA C 100 32.53 -43.30 -6.15
N ARG C 101 33.46 -42.93 -7.01
CA ARG C 101 34.77 -43.57 -7.06
C ARG C 101 35.81 -42.65 -6.40
N GLU C 102 36.74 -43.26 -5.67
CA GLU C 102 37.83 -42.52 -5.05
C GLU C 102 39.13 -43.30 -5.22
N THR C 103 40.09 -42.72 -5.93
CA THR C 103 41.43 -43.28 -5.95
C THR C 103 42.13 -42.90 -4.65
N TYR C 104 42.66 -43.91 -3.95
CA TYR C 104 43.04 -43.72 -2.55
C TYR C 104 44.27 -44.56 -2.24
N TYR C 105 45.29 -43.91 -1.68
CA TYR C 105 46.50 -44.56 -1.23
C TYR C 105 46.66 -44.32 0.25
N THR C 106 47.13 -45.31 0.99
CA THR C 106 47.38 -45.06 2.41
C THR C 106 48.52 -45.92 2.93
N GLU C 107 49.27 -45.35 3.84
CA GLU C 107 50.13 -46.04 4.79
C GLU C 107 49.58 -45.73 6.19
N PHE C 108 50.33 -46.11 7.22
CA PHE C 108 49.89 -45.71 8.55
C PHE C 108 50.18 -44.24 8.82
N SER C 109 51.32 -43.73 8.34
CA SER C 109 51.74 -42.38 8.67
C SER C 109 51.03 -41.32 7.81
N TRP C 110 50.71 -41.64 6.56
CA TRP C 110 50.09 -40.66 5.68
C TRP C 110 49.23 -41.38 4.65
N SER C 111 48.44 -40.59 3.92
CA SER C 111 47.57 -41.10 2.88
C SER C 111 47.35 -40.00 1.84
N TYR C 112 46.75 -40.38 0.72
CA TYR C 112 46.46 -39.43 -0.34
C TYR C 112 45.17 -39.84 -1.04
N SER C 113 44.32 -38.86 -1.29
CA SER C 113 43.04 -39.07 -1.96
C SER C 113 42.90 -38.08 -3.10
N TRP C 114 42.45 -38.58 -4.25
CA TRP C 114 42.15 -37.74 -5.39
C TRP C 114 40.70 -37.29 -5.40
N GLY C 115 39.99 -37.46 -4.29
CA GLY C 115 38.61 -37.04 -4.17
C GLY C 115 37.64 -38.05 -4.73
N LEU C 116 36.37 -37.85 -4.41
CA LEU C 116 35.29 -38.62 -5.02
C LEU C 116 35.00 -37.95 -6.34
N ASP C 117 35.72 -38.39 -7.39
CA ASP C 117 35.70 -37.64 -8.64
C ASP C 117 34.56 -38.03 -9.57
N TYR C 118 34.21 -39.31 -9.64
CA TYR C 118 33.13 -39.77 -10.49
C TYR C 118 31.96 -40.21 -9.61
N TRP C 119 30.78 -39.69 -9.93
CA TRP C 119 29.57 -39.95 -9.15
C TRP C 119 28.50 -40.52 -10.06
N GLY C 120 27.65 -41.38 -9.49
CA GLY C 120 26.47 -41.82 -10.20
C GLY C 120 25.38 -40.77 -10.19
N GLN C 121 24.32 -41.04 -10.94
CA GLN C 121 23.17 -40.15 -11.00
C GLN C 121 22.28 -40.26 -9.78
N GLY C 122 22.43 -41.30 -8.98
CA GLY C 122 21.66 -41.49 -7.75
C GLY C 122 20.36 -42.24 -7.99
N THR C 123 19.93 -42.97 -6.95
CA THR C 123 18.67 -43.70 -7.00
C THR C 123 17.93 -43.48 -5.68
N LEU C 124 16.63 -43.24 -5.79
CA LEU C 124 15.83 -42.90 -4.61
C LEU C 124 15.36 -44.16 -3.90
N VAL C 125 15.53 -44.19 -2.59
CA VAL C 125 15.02 -45.25 -1.73
C VAL C 125 14.00 -44.61 -0.79
N THR C 126 12.76 -45.08 -0.85
CA THR C 126 11.69 -44.59 0.01
C THR C 126 11.25 -45.69 0.95
N VAL C 127 11.35 -45.44 2.25
CA VAL C 127 11.02 -46.41 3.28
C VAL C 127 9.72 -45.96 3.92
N SER C 128 8.61 -46.61 3.54
CA SER C 128 7.30 -46.26 4.05
C SER C 128 6.36 -47.44 3.91
N SER C 129 5.45 -47.56 4.88
CA SER C 129 4.36 -48.51 4.79
C SER C 129 3.24 -48.03 3.87
N ALA C 130 3.22 -46.74 3.51
CA ALA C 130 2.23 -46.24 2.57
C ALA C 130 2.42 -46.88 1.19
N SER C 131 1.31 -47.08 0.49
CA SER C 131 1.33 -47.79 -0.78
C SER C 131 1.46 -46.81 -1.94
N THR C 132 1.86 -47.35 -3.09
CA THR C 132 2.07 -46.54 -4.28
C THR C 132 0.75 -46.04 -4.83
N LYS C 133 0.75 -44.80 -5.32
CA LYS C 133 -0.40 -44.21 -5.99
C LYS C 133 0.06 -43.45 -7.22
N GLY C 134 -0.68 -43.58 -8.32
CA GLY C 134 -0.37 -42.85 -9.54
C GLY C 134 -0.89 -41.43 -9.50
N PRO C 135 -0.29 -40.55 -10.30
CA PRO C 135 -0.67 -39.13 -10.28
C PRO C 135 -1.80 -38.77 -11.22
N SER C 136 -2.55 -37.75 -10.83
CA SER C 136 -3.58 -37.15 -11.67
C SER C 136 -3.06 -35.85 -12.24
N VAL C 137 -3.22 -35.67 -13.55
CA VAL C 137 -2.72 -34.50 -14.26
C VAL C 137 -3.90 -33.61 -14.64
N PHE C 138 -3.80 -32.34 -14.30
CA PHE C 138 -4.83 -31.37 -14.59
C PHE C 138 -4.23 -30.19 -15.36
N PRO C 139 -4.93 -29.66 -16.35
CA PRO C 139 -4.40 -28.50 -17.07
C PRO C 139 -4.48 -27.24 -16.21
N LEU C 140 -3.57 -26.31 -16.48
CA LEU C 140 -3.59 -24.96 -15.95
C LEU C 140 -3.69 -24.08 -17.18
N ALA C 141 -4.92 -23.82 -17.61
CA ALA C 141 -5.15 -23.23 -18.91
C ALA C 141 -4.78 -21.75 -18.91
N PRO C 142 -4.29 -21.24 -20.02
CA PRO C 142 -4.17 -19.79 -20.16
C PRO C 142 -5.57 -19.18 -20.21
N SER C 143 -5.74 -18.05 -19.55
CA SER C 143 -7.06 -17.47 -19.36
C SER C 143 -7.22 -16.19 -20.17
N SER C 144 -8.43 -15.65 -20.12
CA SER C 144 -8.79 -14.39 -20.78
C SER C 144 -8.55 -14.43 -22.28
N GLY C 149 3.61 -6.76 -21.68
CA GLY C 149 2.55 -7.68 -22.04
C GLY C 149 2.94 -8.65 -23.14
N GLY C 150 1.94 -9.31 -23.74
CA GLY C 150 2.20 -10.24 -24.82
C GLY C 150 2.73 -11.59 -24.39
N THR C 151 2.74 -11.88 -23.09
CA THR C 151 3.22 -13.16 -22.56
C THR C 151 2.12 -13.80 -21.74
N ALA C 152 1.86 -15.07 -21.99
CA ALA C 152 0.84 -15.82 -21.29
C ALA C 152 1.49 -17.00 -20.56
N ALA C 153 0.91 -17.37 -19.43
CA ALA C 153 1.38 -18.49 -18.64
C ALA C 153 0.40 -19.65 -18.75
N LEU C 154 0.94 -20.86 -18.83
CA LEU C 154 0.12 -22.07 -18.84
C LEU C 154 0.90 -23.17 -18.15
N GLY C 155 0.21 -24.25 -17.79
CA GLY C 155 0.95 -25.29 -17.10
C GLY C 155 0.16 -26.57 -16.88
N CYS C 156 0.73 -27.43 -16.05
CA CYS C 156 0.14 -28.69 -15.64
C CYS C 156 0.32 -28.88 -14.14
N LEU C 157 -0.75 -29.31 -13.48
CA LEU C 157 -0.73 -29.68 -12.07
C LEU C 157 -0.73 -31.20 -11.95
N VAL C 158 0.25 -31.74 -11.23
CA VAL C 158 0.40 -33.17 -11.02
C VAL C 158 0.12 -33.43 -9.54
N LYS C 159 -0.96 -34.11 -9.24
CA LYS C 159 -1.46 -34.20 -7.87
C LYS C 159 -1.63 -35.65 -7.45
N ASP C 160 -1.43 -35.90 -6.14
CA ASP C 160 -1.82 -37.16 -5.50
C ASP C 160 -1.04 -38.36 -6.05
N TYR C 161 0.27 -38.32 -5.87
CA TYR C 161 1.13 -39.44 -6.24
C TYR C 161 2.09 -39.76 -5.11
N PHE C 162 2.56 -41.00 -5.12
CA PHE C 162 3.51 -41.51 -4.13
C PHE C 162 4.10 -42.81 -4.63
N PRO C 163 5.41 -43.00 -4.51
CA PRO C 163 6.39 -42.07 -3.94
C PRO C 163 6.94 -41.12 -4.99
N GLU C 164 7.95 -40.35 -4.61
CA GLU C 164 8.68 -39.55 -5.57
C GLU C 164 9.53 -40.47 -6.44
N PRO C 165 10.01 -39.99 -7.60
CA PRO C 165 9.82 -38.67 -8.22
C PRO C 165 8.89 -38.70 -9.42
N VAL C 166 8.41 -37.54 -9.88
CA VAL C 166 7.82 -37.43 -11.21
C VAL C 166 8.71 -36.51 -12.03
N THR C 167 8.66 -36.69 -13.35
CA THR C 167 9.35 -35.81 -14.27
C THR C 167 8.34 -35.21 -15.24
N VAL C 168 8.56 -33.94 -15.60
CA VAL C 168 7.65 -33.23 -16.50
C VAL C 168 8.50 -32.58 -17.59
N SER C 169 8.05 -32.72 -18.84
CA SER C 169 8.66 -32.02 -19.97
C SER C 169 7.54 -31.38 -20.79
N TRP C 170 7.92 -30.52 -21.73
CA TRP C 170 6.96 -29.81 -22.57
C TRP C 170 7.29 -30.05 -24.04
N ASN C 171 6.26 -30.40 -24.81
CA ASN C 171 6.40 -30.74 -26.22
C ASN C 171 7.47 -31.80 -26.43
N SER C 172 7.45 -32.81 -25.55
CA SER C 172 8.40 -33.93 -25.61
C SER C 172 9.85 -33.44 -25.53
N GLY C 173 10.09 -32.39 -24.73
CA GLY C 173 11.41 -31.84 -24.55
C GLY C 173 11.83 -30.79 -25.55
N ALA C 174 11.00 -30.51 -26.55
CA ALA C 174 11.34 -29.45 -27.51
C ALA C 174 11.22 -28.06 -26.89
N LEU C 175 10.33 -27.90 -25.90
CA LEU C 175 10.07 -26.61 -25.29
C LEU C 175 10.75 -26.57 -23.92
N THR C 176 11.81 -25.78 -23.81
CA THR C 176 12.56 -25.66 -22.57
C THR C 176 12.65 -24.24 -22.04
N SER C 177 12.72 -23.23 -22.92
CA SER C 177 12.82 -21.85 -22.46
C SER C 177 11.55 -21.42 -21.73
N GLY C 178 11.73 -20.77 -20.59
CA GLY C 178 10.60 -20.29 -19.81
C GLY C 178 9.90 -21.35 -18.99
N VAL C 179 10.43 -22.57 -18.92
CA VAL C 179 9.80 -23.65 -18.18
C VAL C 179 10.27 -23.61 -16.74
N HIS C 180 9.33 -23.74 -15.80
CA HIS C 180 9.60 -23.83 -14.37
C HIS C 180 8.82 -25.03 -13.83
N THR C 181 9.53 -26.07 -13.42
CA THR C 181 8.91 -27.20 -12.75
C THR C 181 9.22 -27.12 -11.26
N PHE C 182 8.18 -27.01 -10.45
CA PHE C 182 8.37 -26.74 -9.03
C PHE C 182 8.71 -28.02 -8.28
N PRO C 183 9.41 -27.89 -7.15
CA PRO C 183 9.63 -29.06 -6.28
C PRO C 183 8.29 -29.59 -5.77
N ALA C 184 8.22 -30.91 -5.63
CA ALA C 184 7.02 -31.53 -5.08
C ALA C 184 6.79 -31.10 -3.64
N VAL C 185 5.51 -31.00 -3.26
CA VAL C 185 5.13 -30.71 -1.89
C VAL C 185 4.35 -31.90 -1.34
N LEU C 186 4.48 -32.11 -0.03
CA LEU C 186 3.83 -33.23 0.64
C LEU C 186 2.50 -32.78 1.21
N GLN C 187 1.41 -33.29 0.62
CA GLN C 187 0.08 -32.97 1.09
C GLN C 187 -0.28 -33.80 2.33
N SER C 188 -1.34 -33.36 3.02
CA SER C 188 -1.77 -34.05 4.23
C SER C 188 -2.24 -35.47 3.95
N SER C 189 -2.69 -35.74 2.72
CA SER C 189 -3.09 -37.08 2.33
C SER C 189 -1.92 -38.06 2.30
N GLY C 190 -0.70 -37.60 2.53
CA GLY C 190 0.47 -38.43 2.44
C GLY C 190 1.07 -38.52 1.05
N LEU C 191 0.43 -37.90 0.06
CA LEU C 191 0.85 -37.97 -1.34
C LEU C 191 1.47 -36.65 -1.76
N TYR C 192 2.12 -36.67 -2.92
CA TYR C 192 2.87 -35.53 -3.41
C TYR C 192 2.11 -34.80 -4.50
N SER C 193 2.44 -33.51 -4.65
CA SER C 193 1.86 -32.68 -5.69
C SER C 193 2.90 -31.65 -6.13
N LEU C 194 2.89 -31.34 -7.41
CA LEU C 194 3.73 -30.28 -7.95
C LEU C 194 3.07 -29.69 -9.18
N SER C 195 3.66 -28.61 -9.68
CA SER C 195 3.17 -27.96 -10.88
CA SER C 195 3.17 -27.96 -10.88
C SER C 195 4.35 -27.65 -11.79
N SER C 196 4.07 -27.60 -13.09
CA SER C 196 5.04 -27.19 -14.08
C SER C 196 4.38 -26.12 -14.95
N VAL C 197 5.06 -25.00 -15.15
CA VAL C 197 4.49 -23.90 -15.93
C VAL C 197 5.48 -23.51 -17.01
N VAL C 198 4.95 -22.81 -18.01
CA VAL C 198 5.75 -22.23 -19.07
C VAL C 198 5.05 -20.96 -19.54
N THR C 199 5.84 -19.96 -19.91
CA THR C 199 5.35 -18.72 -20.47
C THR C 199 5.67 -18.68 -21.95
N VAL C 200 4.65 -18.36 -22.76
CA VAL C 200 4.78 -18.35 -24.21
C VAL C 200 4.20 -17.04 -24.73
N PRO C 201 4.58 -16.63 -25.94
CA PRO C 201 3.96 -15.42 -26.52
C PRO C 201 2.46 -15.59 -26.64
N SER C 202 1.74 -14.49 -26.42
CA SER C 202 0.28 -14.54 -26.45
C SER C 202 -0.24 -14.97 -27.82
N SER C 203 0.35 -14.42 -28.89
CA SER C 203 -0.13 -14.73 -30.24
C SER C 203 -0.04 -16.21 -30.55
N SER C 204 0.94 -16.90 -29.95
CA SER C 204 1.14 -18.31 -30.23
C SER C 204 0.03 -19.20 -29.67
N LEU C 205 -0.85 -18.65 -28.81
CA LEU C 205 -1.84 -19.50 -28.15
C LEU C 205 -2.80 -20.14 -29.15
N GLY C 206 -3.05 -19.48 -30.27
CA GLY C 206 -3.92 -20.05 -31.29
C GLY C 206 -3.19 -20.73 -32.42
N THR C 207 -1.87 -20.56 -32.48
CA THR C 207 -1.06 -21.09 -33.57
C THR C 207 -0.16 -22.24 -33.15
N GLN C 208 0.02 -22.47 -31.86
CA GLN C 208 0.96 -23.47 -31.36
C GLN C 208 0.25 -24.39 -30.38
N THR C 209 0.64 -25.66 -30.40
CA THR C 209 0.13 -26.66 -29.48
C THR C 209 1.11 -26.84 -28.33
N TYR C 210 0.57 -26.92 -27.11
CA TYR C 210 1.39 -27.09 -25.92
C TYR C 210 0.91 -28.30 -25.14
N ILE C 211 1.81 -29.27 -24.95
CA ILE C 211 1.51 -30.53 -24.27
C ILE C 211 2.54 -30.75 -23.19
N CYS C 212 2.10 -31.12 -21.99
CA CYS C 212 3.02 -31.51 -20.93
C CYS C 212 3.03 -33.03 -20.82
N ASN C 213 4.23 -33.58 -20.73
CA ASN C 213 4.47 -35.02 -20.63
C ASN C 213 4.94 -35.30 -19.22
N VAL C 214 4.14 -36.06 -18.48
CA VAL C 214 4.41 -36.40 -17.09
C VAL C 214 4.76 -37.88 -17.00
N ASN C 215 5.77 -38.22 -16.22
CA ASN C 215 6.24 -39.58 -16.06
C ASN C 215 6.45 -39.87 -14.57
N HIS C 216 5.77 -40.88 -14.06
CA HIS C 216 5.93 -41.39 -12.69
C HIS C 216 6.21 -42.90 -12.81
N LYS C 217 7.48 -43.25 -12.91
CA LYS C 217 7.87 -44.65 -13.04
C LYS C 217 7.42 -45.54 -11.88
N PRO C 218 7.56 -45.13 -10.60
CA PRO C 218 7.15 -46.04 -9.50
C PRO C 218 5.76 -46.65 -9.66
N SER C 219 4.79 -45.89 -10.17
CA SER C 219 3.46 -46.41 -10.42
C SER C 219 3.24 -46.75 -11.89
N ASN C 220 4.30 -46.68 -12.70
CA ASN C 220 4.22 -46.91 -14.14
C ASN C 220 3.11 -46.08 -14.78
N THR C 221 3.20 -44.76 -14.58
CA THR C 221 2.24 -43.81 -15.11
C THR C 221 2.95 -42.90 -16.11
N LYS C 222 2.35 -42.71 -17.28
CA LYS C 222 2.90 -41.86 -18.32
C LYS C 222 1.74 -41.15 -18.99
N VAL C 223 1.68 -39.83 -18.85
CA VAL C 223 0.54 -39.04 -19.28
C VAL C 223 1.02 -37.93 -20.21
N ASP C 224 0.27 -37.70 -21.29
CA ASP C 224 0.48 -36.54 -22.15
C ASP C 224 -0.80 -35.73 -22.16
N LYS C 225 -0.73 -34.49 -21.67
CA LYS C 225 -1.91 -33.64 -21.55
C LYS C 225 -1.69 -32.37 -22.37
N LYS C 226 -2.54 -32.18 -23.38
CA LYS C 226 -2.57 -30.92 -24.11
C LYS C 226 -3.28 -29.86 -23.29
N VAL C 227 -2.74 -28.66 -23.30
CA VAL C 227 -3.29 -27.53 -22.54
C VAL C 227 -3.68 -26.45 -23.53
N GLU C 228 -4.99 -26.18 -23.64
CA GLU C 228 -5.53 -25.16 -24.51
C GLU C 228 -6.27 -24.12 -23.69
N PRO C 229 -6.38 -22.89 -24.18
CA PRO C 229 -7.25 -21.92 -23.52
C PRO C 229 -8.69 -22.40 -23.56
N LYS C 230 -9.44 -22.10 -22.50
CA LYS C 230 -10.83 -22.54 -22.44
C LYS C 230 -11.67 -21.66 -23.36
N SER C 231 -12.48 -22.29 -24.20
CA SER C 231 -13.40 -21.58 -25.08
C SER C 231 -14.72 -21.43 -24.34
N CYS C 232 -14.98 -20.22 -23.86
CA CYS C 232 -16.14 -19.96 -23.02
C CYS C 232 -17.44 -20.07 -23.82
N GLU D 4 -33.85 39.49 21.02
CA GLU D 4 -35.13 39.98 20.50
C GLU D 4 -35.01 40.48 19.06
N VAL D 5 -33.95 41.24 18.78
CA VAL D 5 -33.75 41.79 17.44
C VAL D 5 -33.60 40.64 16.46
N GLN D 6 -34.50 40.57 15.48
CA GLN D 6 -34.51 39.47 14.54
C GLN D 6 -35.06 39.93 13.19
N LEU D 7 -34.51 39.35 12.13
CA LEU D 7 -35.04 39.50 10.79
C LEU D 7 -35.47 38.13 10.30
N VAL D 8 -36.64 38.08 9.64
CA VAL D 8 -37.20 36.81 9.17
C VAL D 8 -37.56 36.95 7.70
N GLU D 9 -36.95 36.13 6.84
CA GLU D 9 -37.36 36.07 5.45
C GLU D 9 -38.55 35.14 5.28
N SER D 10 -39.42 35.48 4.35
CA SER D 10 -40.56 34.64 4.00
C SER D 10 -40.81 34.72 2.50
N GLY D 11 -41.52 33.73 1.98
CA GLY D 11 -42.00 33.77 0.61
C GLY D 11 -41.17 33.03 -0.42
N GLY D 12 -40.05 32.42 -0.01
CA GLY D 12 -39.23 31.68 -0.96
C GLY D 12 -39.87 30.36 -1.35
N GLY D 13 -39.35 29.76 -2.42
CA GLY D 13 -39.88 28.49 -2.85
C GLY D 13 -39.42 28.13 -4.25
N LEU D 14 -40.16 27.21 -4.87
CA LEU D 14 -39.86 26.71 -6.20
C LEU D 14 -40.78 27.40 -7.21
N VAL D 15 -40.18 27.92 -8.28
CA VAL D 15 -40.90 28.64 -9.32
C VAL D 15 -40.28 28.30 -10.67
N GLN D 16 -41.12 28.25 -11.70
CA GLN D 16 -40.64 27.93 -13.03
C GLN D 16 -39.93 29.14 -13.63
N PRO D 17 -39.00 28.92 -14.56
CA PRO D 17 -38.33 30.05 -15.22
C PRO D 17 -39.33 30.98 -15.86
N GLY D 18 -39.05 32.28 -15.76
CA GLY D 18 -39.98 33.30 -16.19
C GLY D 18 -41.09 33.57 -15.19
N GLY D 19 -41.11 32.87 -14.06
CA GLY D 19 -42.12 33.08 -13.05
C GLY D 19 -41.80 34.26 -12.16
N SER D 20 -42.63 34.42 -11.13
CA SER D 20 -42.52 35.54 -10.22
C SER D 20 -42.64 35.06 -8.78
N LEU D 21 -42.00 35.79 -7.87
CA LEU D 21 -42.02 35.43 -6.47
C LEU D 21 -41.75 36.69 -5.66
N ARG D 22 -42.45 36.85 -4.55
CA ARG D 22 -42.28 38.03 -3.72
C ARG D 22 -41.79 37.58 -2.35
N LEU D 23 -40.59 38.04 -1.99
CA LEU D 23 -40.00 37.76 -0.69
C LEU D 23 -40.28 38.90 0.28
N SER D 24 -40.46 38.54 1.55
CA SER D 24 -40.70 39.49 2.63
C SER D 24 -39.57 39.38 3.64
N CYS D 25 -39.27 40.49 4.30
CA CYS D 25 -38.24 40.60 5.32
C CYS D 25 -38.89 41.29 6.50
N ALA D 26 -39.27 40.52 7.50
CA ALA D 26 -39.95 40.99 8.70
C ALA D 26 -38.94 41.37 9.77
N ALA D 27 -39.01 42.62 10.22
CA ALA D 27 -38.16 43.15 11.28
C ALA D 27 -39.00 43.16 12.55
N SER D 28 -38.55 42.40 13.55
CA SER D 28 -39.34 42.20 14.77
C SER D 28 -38.84 42.99 15.98
N GLY D 29 -37.55 42.87 16.32
CA GLY D 29 -37.05 43.58 17.48
C GLY D 29 -36.42 44.94 17.25
N PHE D 30 -36.45 45.48 16.04
CA PHE D 30 -35.89 46.80 15.77
C PHE D 30 -36.62 47.40 14.58
N ASN D 31 -36.16 48.57 14.14
CA ASN D 31 -36.74 49.27 13.01
C ASN D 31 -35.66 49.60 11.98
N PHE D 32 -36.09 50.15 10.85
CA PHE D 32 -35.15 50.59 9.82
C PHE D 32 -35.48 52.00 9.33
N TYR D 33 -36.01 52.87 10.20
CA TYR D 33 -36.21 54.25 9.78
C TYR D 33 -34.91 54.99 9.62
N TYR D 34 -33.81 54.41 10.11
CA TYR D 34 -32.48 54.97 9.98
C TYR D 34 -31.52 53.95 9.39
N SER D 35 -32.04 52.81 8.94
CA SER D 35 -31.19 51.75 8.43
C SER D 35 -31.70 51.32 7.07
N SER D 36 -30.77 50.97 6.20
CA SER D 36 -31.09 50.40 4.91
C SER D 36 -31.31 48.91 5.07
N ILE D 37 -32.16 48.35 4.21
CA ILE D 37 -32.37 46.92 4.12
C ILE D 37 -31.78 46.45 2.81
N HIS D 38 -30.90 45.45 2.87
CA HIS D 38 -30.25 44.87 1.72
C HIS D 38 -30.72 43.45 1.53
N TRP D 39 -30.91 43.06 0.27
CA TRP D 39 -31.10 41.67 -0.10
C TRP D 39 -29.79 41.21 -0.73
N VAL D 40 -29.24 40.15 -0.17
CA VAL D 40 -27.97 39.55 -0.57
C VAL D 40 -28.20 38.06 -0.77
N ARG D 41 -27.75 37.52 -1.88
CA ARG D 41 -28.03 36.13 -2.19
C ARG D 41 -26.74 35.32 -2.28
N GLN D 42 -26.89 34.02 -2.14
CA GLN D 42 -25.78 33.08 -2.28
C GLN D 42 -26.26 31.90 -3.10
N ALA D 43 -25.76 31.80 -4.34
CA ALA D 43 -26.08 30.67 -5.19
C ALA D 43 -25.31 29.43 -4.71
N PRO D 44 -25.79 28.24 -5.04
CA PRO D 44 -25.07 27.01 -4.65
C PRO D 44 -23.63 27.02 -5.14
N GLY D 45 -22.71 26.84 -4.20
CA GLY D 45 -21.30 26.82 -4.55
C GLY D 45 -20.75 28.15 -5.01
N LYS D 46 -21.33 29.25 -4.57
CA LYS D 46 -20.88 30.58 -4.97
C LYS D 46 -20.79 31.48 -3.74
N GLY D 47 -20.19 32.65 -3.94
CA GLY D 47 -20.03 33.62 -2.89
C GLY D 47 -21.28 34.46 -2.69
N LEU D 48 -21.21 35.34 -1.70
CA LEU D 48 -22.28 36.30 -1.47
C LEU D 48 -22.38 37.27 -2.64
N GLU D 49 -23.62 37.54 -3.07
CA GLU D 49 -23.86 38.49 -4.14
C GLU D 49 -24.91 39.49 -3.69
N TRP D 50 -24.55 40.77 -3.67
CA TRP D 50 -25.52 41.80 -3.35
C TRP D 50 -26.56 41.92 -4.45
N VAL D 51 -27.82 41.93 -4.05
CA VAL D 51 -28.95 41.96 -5.00
C VAL D 51 -29.58 43.33 -5.05
N ALA D 52 -30.01 43.86 -3.90
CA ALA D 52 -30.72 45.13 -3.93
C ALA D 52 -30.67 45.78 -2.56
N SER D 53 -31.00 47.06 -2.51
CA SER D 53 -31.01 47.81 -1.27
C SER D 53 -32.11 48.86 -1.30
N ILE D 54 -32.66 49.16 -0.12
CA ILE D 54 -33.61 50.25 0.03
C ILE D 54 -33.28 51.02 1.31
N SER D 55 -33.12 52.33 1.19
CA SER D 55 -32.96 53.23 2.33
C SER D 55 -34.20 54.10 2.44
N SER D 56 -34.90 53.98 3.58
CA SER D 56 -36.04 54.82 3.90
C SER D 56 -35.63 56.18 4.46
N TYR D 57 -34.51 56.25 5.21
CA TYR D 57 -34.05 57.53 5.72
C TYR D 57 -33.65 58.45 4.58
N TYR D 58 -32.92 57.91 3.62
CA TYR D 58 -32.71 58.61 2.38
C TYR D 58 -33.87 58.17 1.49
N GLY D 59 -33.96 58.71 0.29
CA GLY D 59 -35.11 58.32 -0.48
C GLY D 59 -34.81 57.29 -1.54
N SER D 60 -34.02 56.26 -1.24
CA SER D 60 -33.36 55.58 -2.35
C SER D 60 -33.57 54.07 -2.38
N THR D 61 -33.46 53.54 -3.59
CA THR D 61 -33.34 52.11 -3.85
C THR D 61 -32.19 51.92 -4.82
N SER D 62 -31.56 50.75 -4.74
CA SER D 62 -30.45 50.41 -5.61
C SER D 62 -30.53 48.93 -5.98
N TYR D 63 -30.02 48.60 -7.18
CA TYR D 63 -30.11 47.25 -7.71
C TYR D 63 -28.79 46.89 -8.37
N ALA D 64 -28.46 45.60 -8.32
CA ALA D 64 -27.36 45.06 -9.12
C ALA D 64 -27.80 44.95 -10.57
N ASP D 65 -26.83 45.07 -11.49
CA ASP D 65 -27.16 45.08 -12.91
C ASP D 65 -27.82 43.78 -13.35
N SER D 66 -27.46 42.66 -12.72
CA SER D 66 -28.02 41.37 -13.11
C SER D 66 -29.51 41.24 -12.78
N VAL D 67 -30.08 42.15 -11.99
CA VAL D 67 -31.48 42.08 -11.62
C VAL D 67 -32.27 43.33 -11.98
N LYS D 68 -31.61 44.34 -12.55
CA LYS D 68 -32.30 45.59 -12.88
C LYS D 68 -33.44 45.34 -13.86
N GLY D 69 -34.63 45.86 -13.51
CA GLY D 69 -35.80 45.72 -14.34
C GLY D 69 -36.66 44.52 -13.98
N ARG D 70 -36.04 43.43 -13.53
CA ARG D 70 -36.75 42.23 -13.11
C ARG D 70 -37.14 42.26 -11.64
N PHE D 71 -36.29 42.83 -10.78
CA PHE D 71 -36.52 42.88 -9.34
C PHE D 71 -36.91 44.29 -8.93
N THR D 72 -37.85 44.38 -7.99
CA THR D 72 -38.24 45.65 -7.37
C THR D 72 -38.19 45.49 -5.86
N ILE D 73 -37.41 46.35 -5.20
CA ILE D 73 -37.36 46.35 -3.74
C ILE D 73 -38.27 47.46 -3.23
N SER D 74 -38.90 47.21 -2.08
CA SER D 74 -39.80 48.21 -1.50
C SER D 74 -39.86 47.97 0.01
N ALA D 75 -40.60 48.84 0.71
CA ALA D 75 -40.69 48.71 2.16
C ALA D 75 -41.99 49.33 2.65
N ASP D 76 -42.60 48.68 3.64
CA ASP D 76 -43.70 49.23 4.41
C ASP D 76 -43.17 49.51 5.82
N THR D 77 -42.97 50.80 6.11
CA THR D 77 -42.40 51.18 7.40
C THR D 77 -43.39 50.91 8.53
N SER D 78 -44.69 51.03 8.27
CA SER D 78 -45.68 50.80 9.31
C SER D 78 -45.72 49.33 9.71
N LYS D 79 -45.48 48.44 8.77
CA LYS D 79 -45.38 47.02 9.05
C LYS D 79 -43.97 46.57 9.41
N ASN D 80 -42.98 47.47 9.33
CA ASN D 80 -41.59 47.13 9.62
C ASN D 80 -41.10 46.02 8.69
N THR D 81 -41.56 46.04 7.44
CA THR D 81 -41.24 44.94 6.54
C THR D 81 -40.66 45.48 5.24
N ALA D 82 -39.71 44.74 4.67
CA ALA D 82 -39.18 45.04 3.36
C ALA D 82 -39.58 43.93 2.40
N TYR D 83 -39.65 44.25 1.11
CA TYR D 83 -40.11 43.30 0.12
C TYR D 83 -39.16 43.31 -1.07
N LEU D 84 -39.00 42.14 -1.67
CA LEU D 84 -38.29 41.97 -2.93
C LEU D 84 -39.21 41.23 -3.88
N GLN D 85 -39.77 41.95 -4.84
CA GLN D 85 -40.58 41.36 -5.91
C GLN D 85 -39.65 40.94 -7.03
N MET D 86 -39.61 39.64 -7.35
CA MET D 86 -38.72 39.08 -8.35
C MET D 86 -39.56 38.60 -9.52
N ASN D 87 -39.38 39.23 -10.67
CA ASN D 87 -40.08 38.87 -11.89
C ASN D 87 -39.10 38.31 -12.91
N SER D 88 -39.62 37.55 -13.87
CA SER D 88 -38.83 36.98 -14.95
C SER D 88 -37.61 36.24 -14.39
N LEU D 89 -37.88 35.32 -13.47
CA LEU D 89 -36.81 34.61 -12.78
C LEU D 89 -36.08 33.65 -13.72
N ARG D 90 -34.78 33.52 -13.51
CA ARG D 90 -33.91 32.67 -14.30
C ARG D 90 -33.34 31.55 -13.43
N ALA D 91 -32.86 30.49 -14.07
CA ALA D 91 -32.25 29.39 -13.32
C ALA D 91 -31.11 29.88 -12.45
N GLU D 92 -30.36 30.87 -12.92
CA GLU D 92 -29.24 31.42 -12.17
C GLU D 92 -29.67 32.26 -10.97
N ASP D 93 -30.97 32.57 -10.86
CA ASP D 93 -31.48 33.26 -9.67
C ASP D 93 -31.69 32.29 -8.51
N THR D 94 -31.57 30.99 -8.75
CA THR D 94 -31.61 30.00 -7.68
C THR D 94 -30.53 30.31 -6.65
N ALA D 95 -30.95 30.51 -5.40
CA ALA D 95 -30.02 30.92 -4.36
C ALA D 95 -30.73 30.96 -3.02
N VAL D 96 -29.95 31.06 -1.96
CA VAL D 96 -30.47 31.45 -0.65
C VAL D 96 -30.46 32.97 -0.61
N TYR D 97 -31.62 33.56 -0.33
CA TYR D 97 -31.77 35.01 -0.25
C TYR D 97 -31.84 35.41 1.21
N TYR D 98 -30.96 36.31 1.62
CA TYR D 98 -30.95 36.89 2.96
C TYR D 98 -31.30 38.36 2.87
N CYS D 99 -31.97 38.87 3.89
CA CYS D 99 -32.08 40.29 4.08
C CYS D 99 -31.24 40.69 5.28
N ALA D 100 -30.73 41.91 5.24
CA ALA D 100 -29.81 42.39 6.26
C ALA D 100 -30.03 43.88 6.48
N ARG D 101 -29.76 44.33 7.69
CA ARG D 101 -29.94 45.71 8.08
C ARG D 101 -28.59 46.41 8.20
N GLU D 102 -28.51 47.66 7.74
CA GLU D 102 -27.30 48.45 7.85
C GLU D 102 -27.65 49.87 8.24
N THR D 103 -27.22 50.29 9.43
CA THR D 103 -27.37 51.69 9.82
C THR D 103 -26.33 52.53 9.08
N TYR D 104 -26.79 53.58 8.40
CA TYR D 104 -25.96 54.22 7.39
C TYR D 104 -26.24 55.71 7.33
N TYR D 105 -25.18 56.51 7.43
CA TYR D 105 -25.25 57.96 7.31
C TYR D 105 -24.37 58.40 6.15
N THR D 106 -24.82 59.41 5.39
CA THR D 106 -23.97 59.93 4.32
C THR D 106 -24.24 61.39 4.05
N GLU D 107 -23.17 62.08 3.71
CA GLU D 107 -23.17 63.35 2.99
C GLU D 107 -22.48 63.09 1.65
N PHE D 108 -22.19 64.14 0.90
CA PHE D 108 -21.37 63.93 -0.28
C PHE D 108 -19.91 63.72 0.09
N SER D 109 -19.42 64.43 1.10
CA SER D 109 -17.99 64.40 1.42
C SER D 109 -17.60 63.13 2.19
N TRP D 110 -18.48 62.60 3.02
CA TRP D 110 -18.13 61.42 3.80
C TRP D 110 -19.38 60.64 4.14
N SER D 111 -19.17 59.43 4.67
CA SER D 111 -20.27 58.58 5.10
C SER D 111 -19.76 57.67 6.21
N TYR D 112 -20.71 56.99 6.86
CA TYR D 112 -20.39 56.06 7.92
C TYR D 112 -21.40 54.93 7.90
N SER D 113 -20.89 53.71 8.05
CA SER D 113 -21.72 52.51 8.10
C SER D 113 -21.33 51.70 9.32
N TRP D 114 -22.32 51.23 10.05
CA TRP D 114 -22.11 50.33 11.18
C TRP D 114 -22.16 48.87 10.76
N GLY D 115 -22.08 48.60 9.46
CA GLY D 115 -22.04 47.25 8.96
C GLY D 115 -23.43 46.64 8.80
N LEU D 116 -23.49 45.52 8.10
CA LEU D 116 -24.71 44.73 8.02
C LEU D 116 -24.75 43.84 9.26
N ASP D 117 -25.32 44.38 10.34
CA ASP D 117 -25.18 43.71 11.64
C ASP D 117 -26.27 42.66 11.89
N TYR D 118 -27.49 42.90 11.44
CA TYR D 118 -28.58 41.96 11.65
C TYR D 118 -28.94 41.31 10.32
N TRP D 119 -28.98 39.97 10.32
CA TRP D 119 -29.24 39.19 9.14
C TRP D 119 -30.40 38.25 9.38
N GLY D 120 -31.18 37.97 8.33
CA GLY D 120 -32.18 36.93 8.41
C GLY D 120 -31.57 35.55 8.26
N GLN D 121 -32.40 34.53 8.48
CA GLN D 121 -31.94 33.15 8.34
C GLN D 121 -31.80 32.73 6.88
N GLY D 122 -32.37 33.50 5.96
CA GLY D 122 -32.32 33.19 4.55
C GLY D 122 -33.46 32.28 4.13
N THR D 123 -33.86 32.44 2.87
CA THR D 123 -34.93 31.63 2.31
C THR D 123 -34.52 31.16 0.93
N LEU D 124 -34.78 29.90 0.62
CA LEU D 124 -34.33 29.30 -0.62
C LEU D 124 -35.28 29.63 -1.76
N VAL D 125 -34.72 30.08 -2.87
CA VAL D 125 -35.45 30.27 -4.11
C VAL D 125 -34.85 29.32 -5.13
N THR D 126 -35.67 28.40 -5.64
CA THR D 126 -35.27 27.44 -6.65
C THR D 126 -36.06 27.74 -7.91
N VAL D 127 -35.35 27.98 -9.01
CA VAL D 127 -35.95 28.31 -10.29
C VAL D 127 -35.75 27.11 -11.19
N SER D 128 -36.81 26.32 -11.39
CA SER D 128 -36.72 25.14 -12.23
C SER D 128 -38.10 24.77 -12.72
N SER D 129 -38.18 24.27 -13.95
CA SER D 129 -39.40 23.67 -14.46
C SER D 129 -39.62 22.26 -13.95
N ALA D 130 -38.59 21.65 -13.36
CA ALA D 130 -38.74 20.33 -12.77
C ALA D 130 -39.73 20.38 -11.62
N SER D 131 -40.44 19.27 -11.43
CA SER D 131 -41.52 19.24 -10.45
C SER D 131 -41.02 18.71 -9.11
N THR D 132 -41.80 19.00 -8.07
CA THR D 132 -41.44 18.60 -6.71
C THR D 132 -41.56 17.10 -6.54
N LYS D 133 -40.63 16.52 -5.77
CA LYS D 133 -40.69 15.11 -5.41
C LYS D 133 -40.32 14.96 -3.93
N GLY D 134 -41.08 14.13 -3.22
CA GLY D 134 -40.80 13.86 -1.83
C GLY D 134 -39.74 12.80 -1.65
N PRO D 135 -39.06 12.79 -0.50
CA PRO D 135 -37.96 11.88 -0.28
C PRO D 135 -38.38 10.53 0.29
N SER D 136 -37.60 9.51 -0.07
CA SER D 136 -37.73 8.18 0.50
C SER D 136 -36.58 7.95 1.46
N VAL D 137 -36.90 7.46 2.66
CA VAL D 137 -35.92 7.24 3.71
C VAL D 137 -35.69 5.74 3.86
N PHE D 138 -34.42 5.33 3.83
CA PHE D 138 -34.05 3.94 3.99
C PHE D 138 -33.03 3.80 5.11
N PRO D 139 -33.12 2.75 5.92
CA PRO D 139 -32.14 2.57 7.00
C PRO D 139 -30.77 2.19 6.47
N LEU D 140 -29.76 2.56 7.25
CA LEU D 140 -28.36 2.16 7.07
C LEU D 140 -28.03 1.41 8.36
N ALA D 141 -28.27 0.10 8.33
CA ALA D 141 -28.28 -0.67 9.57
C ALA D 141 -26.86 -0.87 10.11
N PRO D 142 -26.69 -0.88 11.42
CA PRO D 142 -25.40 -1.29 12.00
C PRO D 142 -25.15 -2.77 11.80
N SER D 143 -23.89 -3.11 11.55
CA SER D 143 -23.53 -4.50 11.26
C SER D 143 -22.74 -5.09 12.43
N GLY D 149 -17.52 -4.35 22.49
CA GLY D 149 -17.22 -4.54 21.08
C GLY D 149 -16.50 -3.36 20.46
N GLY D 150 -17.00 -2.16 20.76
CA GLY D 150 -16.38 -0.94 20.26
C GLY D 150 -17.39 0.14 19.92
N THR D 151 -17.28 0.69 18.71
CA THR D 151 -18.17 1.74 18.23
C THR D 151 -18.81 1.30 16.92
N ALA D 152 -20.12 1.50 16.80
CA ALA D 152 -20.86 1.10 15.62
C ALA D 152 -21.47 2.32 14.94
N ALA D 153 -21.58 2.26 13.62
CA ALA D 153 -22.15 3.33 12.83
C ALA D 153 -23.51 2.90 12.29
N LEU D 154 -24.46 3.83 12.27
CA LEU D 154 -25.77 3.58 11.70
C LEU D 154 -26.27 4.88 11.10
N GLY D 155 -27.31 4.79 10.28
CA GLY D 155 -27.76 6.02 9.65
C GLY D 155 -29.03 5.87 8.87
N CYS D 156 -29.33 6.92 8.10
CA CYS D 156 -30.47 6.98 7.20
C CYS D 156 -30.03 7.57 5.88
N LEU D 157 -30.50 6.97 4.79
CA LEU D 157 -30.32 7.49 3.45
C LEU D 157 -31.63 8.14 3.00
N VAL D 158 -31.54 9.41 2.60
CA VAL D 158 -32.69 10.20 2.15
C VAL D 158 -32.50 10.42 0.66
N LYS D 159 -33.33 9.79 -0.16
CA LYS D 159 -33.08 9.70 -1.59
C LYS D 159 -34.28 10.23 -2.37
N ASP D 160 -33.97 10.78 -3.55
CA ASP D 160 -34.97 11.12 -4.57
C ASP D 160 -35.95 12.19 -4.09
N TYR D 161 -35.43 13.37 -3.81
CA TYR D 161 -36.26 14.52 -3.46
C TYR D 161 -35.81 15.75 -4.24
N PHE D 162 -36.74 16.71 -4.39
CA PHE D 162 -36.49 17.97 -5.08
C PHE D 162 -37.63 18.94 -4.78
N PRO D 163 -37.33 20.20 -4.46
CA PRO D 163 -35.99 20.79 -4.33
C PRO D 163 -35.44 20.63 -2.94
N GLU D 164 -34.30 21.25 -2.66
CA GLU D 164 -33.78 21.33 -1.32
C GLU D 164 -34.63 22.30 -0.50
N PRO D 165 -34.52 22.26 0.84
CA PRO D 165 -33.70 21.39 1.68
C PRO D 165 -34.45 20.28 2.40
N VAL D 166 -33.73 19.29 2.90
CA VAL D 166 -34.26 18.38 3.91
C VAL D 166 -33.46 18.60 5.19
N THR D 167 -34.09 18.30 6.32
CA THR D 167 -33.41 18.33 7.61
C THR D 167 -33.54 16.95 8.26
N VAL D 168 -32.49 16.57 8.98
CA VAL D 168 -32.44 15.28 9.64
C VAL D 168 -32.03 15.50 11.09
N SER D 169 -32.72 14.84 12.00
CA SER D 169 -32.35 14.82 13.41
C SER D 169 -32.39 13.38 13.89
N TRP D 170 -31.85 13.14 15.09
CA TRP D 170 -31.82 11.81 15.67
C TRP D 170 -32.44 11.85 17.06
N ASN D 171 -33.32 10.88 17.33
CA ASN D 171 -34.05 10.81 18.60
C ASN D 171 -34.75 12.14 18.90
N SER D 172 -35.38 12.70 17.88
CA SER D 172 -36.12 13.97 17.97
C SER D 172 -35.21 15.09 18.46
N GLY D 173 -33.96 15.08 18.04
CA GLY D 173 -33.00 16.10 18.42
C GLY D 173 -32.27 15.84 19.72
N ALA D 174 -32.61 14.76 20.43
CA ALA D 174 -31.91 14.44 21.66
C ALA D 174 -30.50 13.91 21.39
N LEU D 175 -30.29 13.25 20.26
CA LEU D 175 -29.01 12.62 19.93
C LEU D 175 -28.30 13.51 18.91
N THR D 176 -27.26 14.21 19.36
CA THR D 176 -26.49 15.11 18.52
C THR D 176 -25.01 14.76 18.47
N SER D 177 -24.43 14.23 19.54
CA SER D 177 -23.02 13.88 19.55
C SER D 177 -22.74 12.75 18.56
N GLY D 178 -21.67 12.90 17.78
CA GLY D 178 -21.31 11.89 16.81
C GLY D 178 -22.15 11.86 15.55
N VAL D 179 -23.02 12.84 15.35
CA VAL D 179 -23.91 12.90 14.19
C VAL D 179 -23.22 13.63 13.06
N HIS D 180 -23.29 13.07 11.86
CA HIS D 180 -22.79 13.71 10.64
C HIS D 180 -23.89 13.64 9.58
N THR D 181 -24.45 14.79 9.23
CA THR D 181 -25.40 14.87 8.13
C THR D 181 -24.68 15.50 6.94
N PHE D 182 -24.58 14.76 5.85
CA PHE D 182 -23.77 15.17 4.72
C PHE D 182 -24.52 16.16 3.84
N PRO D 183 -23.78 17.01 3.12
CA PRO D 183 -24.43 17.88 2.13
C PRO D 183 -25.14 17.06 1.07
N ALA D 184 -26.29 17.56 0.63
CA ALA D 184 -27.00 16.89 -0.45
C ALA D 184 -26.17 16.94 -1.73
N VAL D 185 -26.29 15.89 -2.54
CA VAL D 185 -25.65 15.84 -3.84
C VAL D 185 -26.74 15.75 -4.91
N LEU D 186 -26.47 16.34 -6.06
CA LEU D 186 -27.43 16.38 -7.16
C LEU D 186 -27.18 15.17 -8.06
N GLN D 187 -28.11 14.23 -8.05
CA GLN D 187 -27.96 13.04 -8.88
C GLN D 187 -28.26 13.37 -10.34
N SER D 188 -27.80 12.48 -11.23
CA SER D 188 -28.01 12.69 -12.66
C SER D 188 -29.48 12.65 -13.01
N SER D 189 -30.30 11.94 -12.21
CA SER D 189 -31.73 11.92 -12.41
C SER D 189 -32.38 13.28 -12.16
N GLY D 190 -31.61 14.28 -11.75
CA GLY D 190 -32.13 15.59 -11.45
C GLY D 190 -32.59 15.77 -10.02
N LEU D 191 -32.55 14.74 -9.20
CA LEU D 191 -33.02 14.80 -7.83
C LEU D 191 -31.84 14.77 -6.87
N TYR D 192 -32.12 15.09 -5.61
CA TYR D 192 -31.09 15.19 -4.59
C TYR D 192 -31.12 13.96 -3.68
N SER D 193 -29.97 13.68 -3.08
CA SER D 193 -29.85 12.58 -2.14
C SER D 193 -28.80 12.95 -1.11
N LEU D 194 -29.01 12.52 0.13
CA LEU D 194 -27.99 12.70 1.17
C LEU D 194 -28.14 11.59 2.19
N SER D 195 -27.15 11.49 3.07
CA SER D 195 -27.17 10.52 4.16
C SER D 195 -26.87 11.23 5.46
N SER D 196 -27.38 10.67 6.55
CA SER D 196 -27.05 11.12 7.89
C SER D 196 -26.63 9.90 8.70
N VAL D 197 -25.49 9.98 9.37
CA VAL D 197 -24.96 8.86 10.13
C VAL D 197 -24.67 9.32 11.56
N VAL D 198 -24.56 8.33 12.45
CA VAL D 198 -24.19 8.56 13.84
C VAL D 198 -23.48 7.31 14.32
N THR D 199 -22.46 7.51 15.16
CA THR D 199 -21.74 6.41 15.77
C THR D 199 -22.09 6.34 17.26
N VAL D 200 -22.46 5.15 17.71
CA VAL D 200 -22.88 4.90 19.09
C VAL D 200 -22.11 3.72 19.62
N PRO D 201 -22.02 3.56 20.94
CA PRO D 201 -21.36 2.38 21.50
C PRO D 201 -22.02 1.09 21.03
N SER D 202 -21.19 0.06 20.85
CA SER D 202 -21.70 -1.22 20.36
C SER D 202 -22.72 -1.82 21.33
N SER D 203 -22.47 -1.70 22.63
CA SER D 203 -23.37 -2.29 23.61
C SER D 203 -24.78 -1.73 23.52
N SER D 204 -24.93 -0.47 23.11
CA SER D 204 -26.23 0.19 23.14
C SER D 204 -27.21 -0.33 22.07
N LEU D 205 -26.74 -1.06 21.06
CA LEU D 205 -27.63 -1.46 19.96
C LEU D 205 -28.77 -2.34 20.45
N GLY D 206 -28.58 -3.08 21.53
CA GLY D 206 -29.66 -3.89 22.05
C GLY D 206 -30.42 -3.21 23.18
N THR D 207 -29.87 -2.11 23.70
CA THR D 207 -30.48 -1.42 24.83
C THR D 207 -31.07 -0.05 24.49
N GLN D 208 -30.73 0.51 23.33
CA GLN D 208 -31.15 1.86 22.98
C GLN D 208 -31.81 1.86 21.60
N THR D 209 -32.81 2.71 21.45
CA THR D 209 -33.50 2.89 20.18
C THR D 209 -32.97 4.12 19.47
N TYR D 210 -32.75 4.00 18.17
CA TYR D 210 -32.24 5.10 17.35
C TYR D 210 -33.20 5.34 16.19
N ILE D 211 -33.74 6.54 16.12
CA ILE D 211 -34.72 6.93 15.11
C ILE D 211 -34.22 8.19 14.43
N CYS D 212 -34.28 8.22 13.10
CA CYS D 212 -33.96 9.42 12.35
C CYS D 212 -35.24 10.10 11.90
N ASN D 213 -35.30 11.41 12.09
CA ASN D 213 -36.45 12.23 11.76
C ASN D 213 -36.05 13.09 10.56
N VAL D 214 -36.70 12.85 9.43
CA VAL D 214 -36.43 13.55 8.18
C VAL D 214 -37.61 14.46 7.87
N ASN D 215 -37.30 15.67 7.42
CA ASN D 215 -38.31 16.67 7.12
C ASN D 215 -37.99 17.31 5.77
N HIS D 216 -38.93 17.22 4.84
CA HIS D 216 -38.85 17.87 3.54
C HIS D 216 -40.12 18.72 3.39
N LYS D 217 -40.05 19.96 3.87
CA LYS D 217 -41.20 20.86 3.80
C LYS D 217 -41.69 21.11 2.37
N PRO D 218 -40.84 21.35 1.36
CA PRO D 218 -41.37 21.63 0.01
C PRO D 218 -42.40 20.63 -0.47
N SER D 219 -42.25 19.35 -0.15
CA SER D 219 -43.22 18.33 -0.52
C SER D 219 -44.14 17.95 0.63
N ASN D 220 -44.06 18.66 1.76
CA ASN D 220 -44.82 18.35 2.97
C ASN D 220 -44.64 16.88 3.37
N THR D 221 -43.37 16.50 3.55
CA THR D 221 -43.01 15.14 3.93
C THR D 221 -42.33 15.15 5.30
N LYS D 222 -42.76 14.26 6.18
CA LYS D 222 -42.18 14.12 7.52
C LYS D 222 -42.13 12.64 7.86
N VAL D 223 -40.93 12.10 8.00
CA VAL D 223 -40.74 10.66 8.16
C VAL D 223 -39.92 10.41 9.42
N ASP D 224 -40.32 9.39 10.18
CA ASP D 224 -39.54 8.88 11.31
C ASP D 224 -39.20 7.43 11.03
N LYS D 225 -37.91 7.13 10.93
CA LYS D 225 -37.45 5.78 10.60
C LYS D 225 -36.59 5.26 11.73
N LYS D 226 -37.04 4.17 12.36
CA LYS D 226 -36.21 3.47 13.31
C LYS D 226 -35.16 2.65 12.56
N VAL D 227 -33.93 2.67 13.07
CA VAL D 227 -32.82 1.98 12.44
C VAL D 227 -32.35 0.91 13.41
N GLU D 228 -32.58 -0.34 13.05
CA GLU D 228 -32.24 -1.51 13.85
C GLU D 228 -31.27 -2.41 13.11
N PRO D 229 -30.49 -3.21 13.83
CA PRO D 229 -29.62 -4.19 13.15
C PRO D 229 -30.43 -5.20 12.37
N LYS D 230 -29.85 -5.64 11.25
CA LYS D 230 -30.45 -6.63 10.37
C LYS D 230 -30.35 -8.03 10.98
N SER D 231 -31.02 -8.99 10.34
CA SER D 231 -30.97 -10.38 10.77
C SER D 231 -29.78 -11.11 10.15
N ILE E 3 -15.99 49.22 -9.07
CA ILE E 3 -15.71 49.34 -7.65
C ILE E 3 -15.64 47.94 -7.03
N GLN E 4 -14.50 47.28 -7.27
CA GLN E 4 -14.33 45.88 -6.92
C GLN E 4 -13.55 45.73 -5.61
N MET E 5 -13.82 44.64 -4.92
CA MET E 5 -13.08 44.24 -3.72
C MET E 5 -12.42 42.91 -4.01
N THR E 6 -11.09 42.88 -4.02
CA THR E 6 -10.31 41.71 -4.38
C THR E 6 -9.62 41.16 -3.14
N GLN E 7 -10.04 39.97 -2.71
CA GLN E 7 -9.49 39.34 -1.52
C GLN E 7 -8.32 38.42 -1.87
N SER E 8 -7.47 38.18 -0.86
CA SER E 8 -6.34 37.29 -0.99
C SER E 8 -5.99 36.72 0.37
N PRO E 9 -5.63 35.43 0.45
CA PRO E 9 -5.65 34.43 -0.63
C PRO E 9 -7.05 33.87 -0.86
N SER E 10 -7.22 33.02 -1.88
CA SER E 10 -8.51 32.37 -2.08
C SER E 10 -8.85 31.45 -0.91
N SER E 11 -7.86 30.72 -0.42
CA SER E 11 -8.04 29.81 0.71
CA SER E 11 -8.04 29.82 0.72
C SER E 11 -6.72 29.73 1.47
N LEU E 12 -6.79 29.15 2.67
CA LEU E 12 -5.58 28.99 3.47
C LEU E 12 -5.83 27.96 4.55
N SER E 13 -4.73 27.37 5.03
CA SER E 13 -4.76 26.39 6.11
CA SER E 13 -4.76 26.39 6.11
C SER E 13 -3.77 26.80 7.18
N ALA E 14 -4.22 26.80 8.43
CA ALA E 14 -3.37 27.15 9.56
C ALA E 14 -3.82 26.39 10.79
N SER E 15 -2.89 26.18 11.72
CA SER E 15 -3.15 25.37 12.90
C SER E 15 -3.73 26.21 14.03
N VAL E 16 -4.35 25.52 15.00
CA VAL E 16 -4.86 26.18 16.19
C VAL E 16 -3.75 26.95 16.88
N GLY E 17 -4.01 28.22 17.17
CA GLY E 17 -3.05 29.10 17.79
C GLY E 17 -2.26 29.97 16.82
N ASP E 18 -2.34 29.70 15.52
CA ASP E 18 -1.59 30.46 14.54
C ASP E 18 -2.18 31.85 14.32
N ARG E 19 -1.40 32.69 13.65
CA ARG E 19 -1.84 34.01 13.21
C ARG E 19 -2.24 33.94 11.74
N VAL E 20 -3.47 34.32 11.44
CA VAL E 20 -4.01 34.28 10.09
C VAL E 20 -4.26 35.70 9.61
N THR E 21 -3.87 35.98 8.37
CA THR E 21 -4.01 37.29 7.76
C THR E 21 -4.78 37.15 6.45
N ILE E 22 -5.77 38.02 6.24
CA ILE E 22 -6.54 38.05 5.00
C ILE E 22 -6.56 39.49 4.51
N THR E 23 -6.23 39.70 3.24
CA THR E 23 -6.19 41.06 2.70
C THR E 23 -7.29 41.25 1.67
N CYS E 24 -7.67 42.51 1.49
CA CYS E 24 -8.76 42.86 0.59
C CYS E 24 -8.45 44.24 0.03
N ARG E 25 -8.28 44.33 -1.29
CA ARG E 25 -7.93 45.58 -1.94
C ARG E 25 -9.13 46.12 -2.69
N ALA E 26 -9.50 47.36 -2.37
CA ALA E 26 -10.49 48.08 -3.16
C ALA E 26 -9.83 48.56 -4.45
N SER E 27 -10.45 48.27 -5.58
CA SER E 27 -9.86 48.51 -6.89
C SER E 27 -10.45 49.81 -7.40
N GLN E 28 -9.57 50.78 -7.68
CA GLN E 28 -9.98 52.15 -7.96
C GLN E 28 -10.63 52.62 -6.66
N SER E 29 -11.48 53.64 -6.71
CA SER E 29 -12.46 53.85 -5.65
C SER E 29 -11.90 53.78 -4.24
N VAL E 30 -11.17 54.81 -3.79
CA VAL E 30 -10.82 54.87 -2.38
C VAL E 30 -12.10 54.93 -1.54
N SER E 31 -12.00 54.45 -0.31
CA SER E 31 -13.10 54.50 0.64
C SER E 31 -12.52 54.44 2.04
N SER E 32 -13.41 54.39 3.03
CA SER E 32 -13.02 54.05 4.41
C SER E 32 -13.97 53.10 5.10
N ALA E 33 -15.14 52.81 4.51
CA ALA E 33 -16.18 52.04 5.18
C ALA E 33 -16.10 50.61 4.64
N VAL E 34 -15.25 49.82 5.29
CA VAL E 34 -15.07 48.41 4.96
C VAL E 34 -15.49 47.59 6.16
N ALA E 35 -16.30 46.57 5.93
CA ALA E 35 -16.71 45.65 6.96
C ALA E 35 -16.21 44.25 6.64
N TRP E 36 -16.01 43.46 7.68
CA TRP E 36 -15.59 42.07 7.58
C TRP E 36 -16.61 41.16 8.23
N TYR E 37 -16.88 40.03 7.56
CA TYR E 37 -17.90 39.06 7.92
C TYR E 37 -17.32 37.64 7.91
N GLN E 38 -17.88 36.79 8.76
CA GLN E 38 -17.56 35.37 8.86
C GLN E 38 -18.82 34.58 8.55
N GLN E 39 -18.73 33.64 7.61
CA GLN E 39 -19.87 32.84 7.24
C GLN E 39 -19.53 31.36 7.36
N LYS E 40 -20.30 30.63 8.15
CA LYS E 40 -20.31 29.19 8.16
C LYS E 40 -21.14 28.68 6.98
N PRO E 41 -20.83 27.49 6.48
CA PRO E 41 -21.57 26.98 5.31
C PRO E 41 -23.07 26.94 5.56
N GLY E 42 -23.83 27.48 4.61
CA GLY E 42 -25.28 27.43 4.67
C GLY E 42 -25.90 28.23 5.80
N LYS E 43 -25.17 29.16 6.40
CA LYS E 43 -25.66 29.98 7.49
C LYS E 43 -25.53 31.46 7.14
N ALA E 44 -26.28 32.28 7.85
CA ALA E 44 -26.20 33.72 7.62
C ALA E 44 -24.83 34.23 8.05
N PRO E 45 -24.24 35.16 7.28
CA PRO E 45 -22.95 35.72 7.68
C PRO E 45 -23.07 36.50 8.98
N LYS E 46 -21.95 36.60 9.70
CA LYS E 46 -21.88 37.34 10.95
C LYS E 46 -20.91 38.50 10.79
N LEU E 47 -21.34 39.69 11.19
CA LEU E 47 -20.47 40.86 11.16
C LEU E 47 -19.37 40.74 12.21
N LEU E 48 -18.12 40.90 11.77
CA LEU E 48 -16.98 40.95 12.67
C LEU E 48 -16.48 42.37 12.87
N ILE E 49 -16.31 43.11 11.78
CA ILE E 49 -15.65 44.42 11.85
C ILE E 49 -16.42 45.40 10.98
N TYR E 50 -16.59 46.62 11.47
CA TYR E 50 -17.12 47.71 10.66
C TYR E 50 -16.17 48.89 10.77
N SER E 51 -16.26 49.79 9.79
CA SER E 51 -15.39 50.97 9.71
C SER E 51 -13.91 50.57 9.65
N ALA E 52 -13.66 49.35 9.17
CA ALA E 52 -12.36 48.76 8.84
C ALA E 52 -11.53 48.40 10.06
N SER E 53 -11.91 48.88 11.24
CA SER E 53 -11.14 48.55 12.43
C SER E 53 -11.96 48.29 13.68
N SER E 54 -13.25 48.64 13.70
CA SER E 54 -14.03 48.60 14.94
C SER E 54 -14.67 47.23 15.11
N LEU E 55 -14.47 46.65 16.30
CA LEU E 55 -15.02 45.33 16.61
C LEU E 55 -16.51 45.38 16.86
N TYR E 56 -17.25 44.47 16.24
CA TYR E 56 -18.68 44.43 16.46
C TYR E 56 -19.00 43.80 17.81
N SER E 57 -20.18 44.12 18.34
CA SER E 57 -20.61 43.68 19.66
C SER E 57 -20.48 42.18 19.84
N GLY E 58 -19.71 41.78 20.85
CA GLY E 58 -19.57 40.38 21.22
C GLY E 58 -18.48 39.64 20.50
N VAL E 59 -17.90 40.22 19.45
CA VAL E 59 -16.87 39.53 18.67
C VAL E 59 -15.59 39.43 19.50
N PRO E 60 -14.97 38.26 19.61
CA PRO E 60 -13.72 38.15 20.38
C PRO E 60 -12.65 39.08 19.81
N SER E 61 -11.86 39.65 20.71
CA SER E 61 -10.83 40.60 20.32
C SER E 61 -9.65 39.95 19.61
N ARG E 62 -9.64 38.62 19.46
CA ARG E 62 -8.61 38.01 18.61
C ARG E 62 -8.80 38.37 17.15
N PHE E 63 -9.99 38.83 16.76
CA PHE E 63 -10.20 39.41 15.45
C PHE E 63 -9.84 40.90 15.48
N SER E 64 -9.19 41.36 14.43
CA SER E 64 -8.81 42.76 14.32
C SER E 64 -8.77 43.16 12.84
N GLY E 65 -8.87 44.45 12.60
CA GLY E 65 -8.86 44.97 11.25
C GLY E 65 -7.97 46.18 11.16
N SER E 66 -7.45 46.41 9.95
CA SER E 66 -6.57 47.56 9.75
C SER E 66 -6.70 48.05 8.31
N ARG E 67 -6.32 49.31 8.11
CA ARG E 67 -6.41 50.00 6.83
C ARG E 67 -5.06 50.60 6.46
N SER E 68 -4.70 50.45 5.18
CA SER E 68 -3.52 51.06 4.58
C SER E 68 -3.98 51.53 3.20
N GLY E 69 -4.47 52.76 3.13
CA GLY E 69 -4.97 53.28 1.86
C GLY E 69 -6.16 52.51 1.34
N THR E 70 -5.96 51.81 0.23
CA THR E 70 -7.00 50.96 -0.37
C THR E 70 -6.84 49.49 0.00
N ASP E 71 -5.99 49.18 0.98
CA ASP E 71 -5.71 47.79 1.36
C ASP E 71 -6.21 47.56 2.78
N PHE E 72 -7.08 46.59 2.97
CA PHE E 72 -7.68 46.33 4.26
C PHE E 72 -7.30 44.92 4.70
N THR E 73 -7.05 44.76 5.99
CA THR E 73 -6.52 43.50 6.50
C THR E 73 -7.34 43.04 7.69
N LEU E 74 -7.76 41.77 7.63
CA LEU E 74 -8.38 41.08 8.76
C LEU E 74 -7.35 40.14 9.36
N THR E 75 -7.14 40.26 10.66
CA THR E 75 -6.17 39.45 11.38
C THR E 75 -6.89 38.63 12.44
N ILE E 76 -6.62 37.32 12.46
CA ILE E 76 -7.02 36.44 13.54
C ILE E 76 -5.75 36.08 14.30
N SER E 77 -5.70 36.44 15.58
CA SER E 77 -4.45 36.30 16.32
C SER E 77 -4.21 34.87 16.80
N SER E 78 -5.19 34.29 17.48
CA SER E 78 -5.08 32.94 18.05
C SER E 78 -6.14 32.07 17.40
N LEU E 79 -5.79 31.48 16.26
CA LEU E 79 -6.76 30.72 15.48
C LEU E 79 -7.36 29.59 16.32
N GLN E 80 -8.67 29.55 16.38
CA GLN E 80 -9.43 28.58 17.12
C GLN E 80 -10.07 27.56 16.17
N PRO E 81 -10.33 26.35 16.65
CA PRO E 81 -10.98 25.34 15.78
C PRO E 81 -12.32 25.79 15.24
N GLU E 82 -13.10 26.55 16.02
CA GLU E 82 -14.39 27.03 15.54
C GLU E 82 -14.27 28.19 14.55
N ASP E 83 -13.06 28.55 14.12
CA ASP E 83 -12.86 29.66 13.22
C ASP E 83 -12.93 29.28 11.74
N PHE E 84 -13.05 28.00 11.41
CA PHE E 84 -13.17 27.63 10.01
C PHE E 84 -14.43 28.27 9.43
N ALA E 85 -14.26 28.94 8.29
CA ALA E 85 -15.38 29.69 7.72
C ALA E 85 -14.89 30.33 6.43
N THR E 86 -15.81 30.94 5.70
CA THR E 86 -15.44 31.84 4.61
C THR E 86 -15.60 33.26 5.10
N TYR E 87 -14.56 34.05 4.96
CA TYR E 87 -14.55 35.44 5.42
C TYR E 87 -14.67 36.38 4.23
N TYR E 88 -15.46 37.43 4.40
CA TYR E 88 -15.74 38.38 3.35
C TYR E 88 -15.42 39.81 3.80
N CYS E 89 -14.88 40.60 2.89
CA CYS E 89 -14.86 42.05 3.06
C CYS E 89 -16.01 42.64 2.25
N GLN E 90 -16.38 43.87 2.60
CA GLN E 90 -17.55 44.49 1.99
C GLN E 90 -17.39 46.00 2.09
N GLN E 91 -17.70 46.71 1.02
CA GLN E 91 -17.54 48.17 0.99
C GLN E 91 -18.91 48.84 0.92
N SER E 92 -19.05 49.94 1.67
CA SER E 92 -20.25 50.78 1.66
C SER E 92 -19.78 52.22 1.48
N SER E 93 -19.88 52.76 0.27
CA SER E 93 -19.36 54.09 0.00
C SER E 93 -20.44 55.15 0.16
N ILE E 94 -20.13 56.37 -0.28
CA ILE E 94 -20.98 57.52 0.00
C ILE E 94 -22.20 57.51 -0.92
N VAL E 95 -23.22 58.27 -0.50
CA VAL E 95 -24.46 58.49 -1.25
C VAL E 95 -25.06 57.15 -1.63
N TRP E 96 -25.18 56.26 -0.64
CA TRP E 96 -25.79 54.93 -0.76
C TRP E 96 -25.39 54.25 -2.06
N GLU E 97 -24.11 54.33 -2.41
CA GLU E 97 -23.63 53.60 -3.57
C GLU E 97 -23.82 52.10 -3.35
N PRO E 98 -24.01 51.34 -4.42
CA PRO E 98 -24.23 49.90 -4.28
C PRO E 98 -23.12 49.25 -3.49
N ILE E 99 -23.51 48.32 -2.62
CA ILE E 99 -22.57 47.55 -1.81
C ILE E 99 -21.88 46.50 -2.67
N THR E 100 -20.62 46.23 -2.36
CA THR E 100 -19.84 45.20 -3.03
C THR E 100 -19.21 44.30 -1.98
N PHE E 101 -19.29 42.99 -2.20
CA PHE E 101 -18.60 42.00 -1.39
C PHE E 101 -17.35 41.51 -2.11
N GLY E 102 -16.33 41.17 -1.35
CA GLY E 102 -15.21 40.44 -1.89
C GLY E 102 -15.62 39.02 -2.29
N GLN E 103 -14.71 38.35 -3.00
CA GLN E 103 -15.01 36.99 -3.43
C GLN E 103 -14.97 36.00 -2.28
N GLY E 104 -14.39 36.37 -1.15
CA GLY E 104 -14.35 35.49 0.00
C GLY E 104 -13.03 34.75 0.10
N THR E 105 -12.63 34.47 1.34
CA THR E 105 -11.44 33.69 1.64
C THR E 105 -11.84 32.54 2.55
N LYS E 106 -11.58 31.32 2.11
CA LYS E 106 -11.95 30.14 2.87
C LYS E 106 -10.82 29.77 3.84
N VAL E 107 -11.12 29.75 5.13
CA VAL E 107 -10.15 29.43 6.18
C VAL E 107 -10.49 28.05 6.74
N GLU E 108 -9.52 27.14 6.62
CA GLU E 108 -9.57 25.80 7.17
C GLU E 108 -8.47 25.65 8.21
N ILE E 109 -8.72 24.78 9.20
CA ILE E 109 -7.76 24.54 10.27
C ILE E 109 -6.84 23.40 9.91
N LYS E 110 -5.54 23.62 10.02
CA LYS E 110 -4.54 22.57 9.86
C LYS E 110 -4.41 21.80 11.16
N ARG E 111 -4.45 20.47 11.07
CA ARG E 111 -4.45 19.60 12.24
C ARG E 111 -3.54 18.41 11.95
N THR E 112 -3.27 17.61 12.97
CA THR E 112 -2.46 16.42 12.78
C THR E 112 -3.24 15.36 12.02
N VAL E 113 -2.51 14.50 11.32
CA VAL E 113 -3.15 13.49 10.49
C VAL E 113 -4.00 12.57 11.36
N ALA E 114 -5.17 12.19 10.84
CA ALA E 114 -6.08 11.29 11.53
C ALA E 114 -6.67 10.33 10.52
N ALA E 115 -6.52 9.03 10.78
CA ALA E 115 -7.00 8.01 9.86
C ALA E 115 -8.51 7.88 9.94
N PRO E 116 -9.18 7.64 8.81
CA PRO E 116 -10.64 7.47 8.83
C PRO E 116 -11.04 6.10 9.35
N SER E 117 -12.16 6.07 10.08
CA SER E 117 -12.82 4.80 10.38
C SER E 117 -13.82 4.49 9.27
N VAL E 118 -13.77 3.27 8.73
CA VAL E 118 -14.50 2.94 7.52
C VAL E 118 -15.62 1.96 7.85
N PHE E 119 -16.80 2.22 7.29
CA PHE E 119 -17.97 1.37 7.46
C PHE E 119 -18.64 1.20 6.10
N ILE E 120 -19.29 0.05 5.91
CA ILE E 120 -20.03 -0.22 4.67
C ILE E 120 -21.44 -0.65 5.02
N PHE E 121 -22.41 -0.23 4.19
CA PHE E 121 -23.83 -0.45 4.42
C PHE E 121 -24.46 -1.01 3.15
N PRO E 122 -25.02 -2.21 3.18
CA PRO E 122 -25.74 -2.74 2.02
C PRO E 122 -27.07 -2.03 1.82
N PRO E 123 -27.68 -2.17 0.65
CA PRO E 123 -29.02 -1.60 0.44
C PRO E 123 -30.06 -2.24 1.34
N SER E 124 -30.97 -1.41 1.84
CA SER E 124 -32.09 -1.91 2.62
C SER E 124 -32.99 -2.76 1.72
N ASP E 125 -33.67 -3.73 2.33
CA ASP E 125 -34.66 -4.47 1.55
C ASP E 125 -35.85 -3.60 1.16
N SER E 126 -36.00 -2.43 1.79
CA SER E 126 -37.07 -1.53 1.42
C SER E 126 -36.71 -0.73 0.17
N GLN E 127 -35.42 -0.57 -0.09
CA GLN E 127 -35.04 0.10 -1.33
C GLN E 127 -34.86 -0.94 -2.42
N LEU E 128 -34.47 -2.16 -2.02
CA LEU E 128 -34.39 -3.27 -2.95
C LEU E 128 -35.76 -3.69 -3.43
N LYS E 129 -36.82 -3.33 -2.70
CA LYS E 129 -38.17 -3.58 -3.20
C LYS E 129 -38.46 -2.77 -4.45
N SER E 130 -37.65 -1.78 -4.77
CA SER E 130 -37.75 -1.07 -6.02
C SER E 130 -36.58 -1.47 -6.92
N GLY E 131 -36.46 -0.79 -8.06
CA GLY E 131 -35.37 -1.02 -9.00
C GLY E 131 -34.11 -0.26 -8.66
N THR E 132 -33.95 0.08 -7.38
CA THR E 132 -32.82 0.87 -6.91
C THR E 132 -32.07 0.18 -5.79
N ALA E 133 -30.74 0.22 -5.90
CA ALA E 133 -29.81 -0.39 -4.95
C ALA E 133 -28.72 0.63 -4.63
N SER E 134 -28.65 1.08 -3.38
CA SER E 134 -27.64 2.04 -2.93
C SER E 134 -26.73 1.41 -1.89
N VAL E 135 -25.43 1.37 -2.18
CA VAL E 135 -24.41 0.85 -1.26
C VAL E 135 -23.62 2.03 -0.73
N VAL E 136 -23.46 2.11 0.60
CA VAL E 136 -22.91 3.31 1.22
C VAL E 136 -21.60 2.98 1.91
N CYS E 137 -20.57 3.77 1.64
CA CYS E 137 -19.28 3.66 2.30
C CYS E 137 -19.01 4.94 3.09
N LEU E 138 -18.73 4.80 4.38
CA LEU E 138 -18.52 5.93 5.27
C LEU E 138 -17.09 5.96 5.75
N LEU E 139 -16.43 7.10 5.60
CA LEU E 139 -15.12 7.39 6.15
C LEU E 139 -15.32 8.44 7.23
N ASN E 140 -15.00 8.11 8.47
CA ASN E 140 -15.40 8.89 9.63
C ASN E 140 -14.19 9.49 10.31
N ASN E 141 -14.25 10.82 10.55
CA ASN E 141 -13.35 11.55 11.45
C ASN E 141 -11.88 11.39 11.03
N PHE E 142 -11.57 11.95 9.86
CA PHE E 142 -10.22 11.91 9.33
C PHE E 142 -9.72 13.30 8.98
N TYR E 143 -8.42 13.38 8.71
CA TYR E 143 -7.73 14.59 8.26
C TYR E 143 -6.41 14.16 7.66
N PRO E 144 -6.00 14.73 6.51
CA PRO E 144 -6.64 15.81 5.75
C PRO E 144 -7.85 15.34 4.93
N ARG E 145 -8.50 16.28 4.25
CA ARG E 145 -9.74 15.98 3.53
C ARG E 145 -9.52 15.02 2.37
N GLU E 146 -8.33 15.01 1.78
CA GLU E 146 -8.09 14.18 0.61
C GLU E 146 -8.08 12.70 0.97
N ALA E 147 -8.82 11.91 0.20
CA ALA E 147 -8.95 10.48 0.44
C ALA E 147 -9.44 9.81 -0.83
N LYS E 148 -9.00 8.57 -1.04
CA LYS E 148 -9.33 7.83 -2.25
C LYS E 148 -10.26 6.68 -1.91
N VAL E 149 -11.41 6.63 -2.58
CA VAL E 149 -12.41 5.60 -2.36
C VAL E 149 -12.65 4.88 -3.68
N GLN E 150 -12.39 3.57 -3.69
CA GLN E 150 -12.59 2.70 -4.85
C GLN E 150 -13.66 1.67 -4.54
N TRP E 151 -14.58 1.50 -5.48
CA TRP E 151 -15.62 0.49 -5.37
C TRP E 151 -15.23 -0.73 -6.19
N LYS E 152 -15.22 -1.90 -5.55
CA LYS E 152 -14.98 -3.15 -6.25
C LYS E 152 -16.23 -4.02 -6.18
N VAL E 153 -16.70 -4.44 -7.36
CA VAL E 153 -17.81 -5.39 -7.46
C VAL E 153 -17.25 -6.65 -8.11
N ASP E 154 -17.20 -7.75 -7.35
CA ASP E 154 -16.53 -8.98 -7.76
C ASP E 154 -15.10 -8.71 -8.22
N ASN E 155 -14.41 -7.84 -7.48
CA ASN E 155 -13.04 -7.42 -7.76
C ASN E 155 -12.92 -6.67 -9.08
N ALA E 156 -14.04 -6.20 -9.62
CA ALA E 156 -14.06 -5.37 -10.81
C ALA E 156 -14.17 -3.91 -10.36
N LEU E 157 -13.22 -3.08 -10.79
CA LEU E 157 -13.25 -1.66 -10.47
C LEU E 157 -14.50 -1.00 -11.06
N GLN E 158 -15.25 -0.32 -10.20
CA GLN E 158 -16.51 0.31 -10.55
C GLN E 158 -16.29 1.82 -10.51
N SER E 159 -16.26 2.45 -11.69
CA SER E 159 -16.03 3.89 -11.80
C SER E 159 -17.15 4.51 -12.62
N GLY E 160 -17.59 5.69 -12.20
CA GLY E 160 -18.59 6.45 -12.93
C GLY E 160 -20.01 6.35 -12.40
N ASN E 161 -20.26 5.57 -11.36
CA ASN E 161 -21.61 5.37 -10.84
C ASN E 161 -21.66 5.54 -9.32
N SER E 162 -20.72 6.28 -8.76
CA SER E 162 -20.69 6.58 -7.34
C SER E 162 -20.54 8.08 -7.14
N GLN E 163 -21.19 8.60 -6.11
CA GLN E 163 -21.10 10.02 -5.76
C GLN E 163 -20.58 10.17 -4.33
N GLU E 164 -19.68 11.12 -4.14
CA GLU E 164 -19.12 11.41 -2.82
C GLU E 164 -19.75 12.67 -2.23
N SER E 165 -19.62 12.80 -0.91
CA SER E 165 -20.14 13.95 -0.18
C SER E 165 -19.36 14.07 1.12
N VAL E 166 -18.91 15.28 1.44
CA VAL E 166 -18.01 15.53 2.57
C VAL E 166 -18.66 16.50 3.54
N THR E 167 -18.62 16.17 4.83
CA THR E 167 -19.09 17.11 5.85
C THR E 167 -18.12 18.27 6.00
N GLU E 168 -18.60 19.34 6.63
CA GLU E 168 -17.75 20.45 6.99
C GLU E 168 -16.77 20.03 8.09
N GLN E 169 -15.69 20.79 8.20
CA GLN E 169 -14.69 20.51 9.22
C GLN E 169 -15.33 20.58 10.61
N ASP E 170 -14.94 19.66 11.48
CA ASP E 170 -15.58 19.58 12.79
C ASP E 170 -15.18 20.77 13.65
N SER E 171 -16.16 21.32 14.39
CA SER E 171 -15.94 22.53 15.16
C SER E 171 -15.03 22.32 16.35
N LYS E 172 -14.80 21.06 16.75
CA LYS E 172 -13.98 20.76 17.92
C LYS E 172 -12.67 20.07 17.57
N ASP E 173 -12.72 19.00 16.76
CA ASP E 173 -11.53 18.21 16.45
C ASP E 173 -11.03 18.41 15.03
N SER E 174 -11.68 19.27 14.24
CA SER E 174 -11.20 19.69 12.92
C SER E 174 -11.12 18.54 11.92
N THR E 175 -11.83 17.44 12.15
CA THR E 175 -11.79 16.33 11.20
C THR E 175 -12.96 16.42 10.21
N TYR E 176 -12.84 15.65 9.15
CA TYR E 176 -13.86 15.51 8.13
C TYR E 176 -14.49 14.13 8.17
N SER E 177 -15.67 14.01 7.58
CA SER E 177 -16.27 12.72 7.27
C SER E 177 -16.77 12.74 5.83
N LEU E 178 -16.79 11.57 5.20
CA LEU E 178 -17.09 11.45 3.79
C LEU E 178 -17.95 10.23 3.55
N SER E 179 -18.91 10.35 2.65
CA SER E 179 -19.76 9.26 2.24
C SER E 179 -19.63 9.07 0.73
N SER E 180 -19.53 7.81 0.32
CA SER E 180 -19.55 7.43 -1.08
C SER E 180 -20.74 6.52 -1.32
N THR E 181 -21.56 6.85 -2.30
CA THR E 181 -22.80 6.14 -2.57
C THR E 181 -22.70 5.54 -3.97
N LEU E 182 -22.68 4.21 -4.02
CA LEU E 182 -22.71 3.47 -5.28
C LEU E 182 -24.15 3.10 -5.61
N THR E 183 -24.59 3.40 -6.82
CA THR E 183 -25.98 3.21 -7.22
C THR E 183 -26.04 2.22 -8.39
N LEU E 184 -26.79 1.14 -8.19
CA LEU E 184 -27.00 0.11 -9.20
C LEU E 184 -28.48 -0.25 -9.24
N SER E 185 -28.95 -0.71 -10.39
CA SER E 185 -30.31 -1.21 -10.45
C SER E 185 -30.43 -2.52 -9.68
N LYS E 186 -31.66 -2.90 -9.34
CA LYS E 186 -31.86 -4.13 -8.59
C LYS E 186 -31.31 -5.34 -9.33
N ALA E 187 -31.48 -5.38 -10.66
CA ALA E 187 -30.94 -6.49 -11.45
C ALA E 187 -29.43 -6.50 -11.40
N ASP E 188 -28.80 -5.34 -11.64
CA ASP E 188 -27.34 -5.27 -11.63
C ASP E 188 -26.80 -5.62 -10.25
N TYR E 189 -27.52 -5.23 -9.19
CA TYR E 189 -27.09 -5.56 -7.85
C TYR E 189 -27.21 -7.06 -7.59
N GLU E 190 -28.26 -7.69 -8.10
CA GLU E 190 -28.47 -9.10 -7.86
C GLU E 190 -27.70 -10.01 -8.80
N LYS E 191 -27.00 -9.43 -9.78
CA LYS E 191 -26.11 -10.22 -10.63
C LYS E 191 -24.69 -10.30 -10.09
N HIS E 192 -24.48 -9.90 -8.83
CA HIS E 192 -23.15 -9.88 -8.23
C HIS E 192 -23.27 -10.19 -6.74
N LYS E 193 -22.16 -10.68 -6.17
CA LYS E 193 -22.17 -11.15 -4.79
C LYS E 193 -21.35 -10.29 -3.84
N VAL E 194 -20.10 -9.98 -4.17
CA VAL E 194 -19.17 -9.33 -3.24
C VAL E 194 -19.11 -7.84 -3.55
N TYR E 195 -19.35 -7.00 -2.54
CA TYR E 195 -19.30 -5.55 -2.69
C TYR E 195 -18.30 -4.98 -1.69
N ALA E 196 -17.29 -4.27 -2.18
CA ALA E 196 -16.20 -3.80 -1.33
C ALA E 196 -15.89 -2.33 -1.61
N CYS E 197 -15.56 -1.63 -0.53
CA CYS E 197 -15.10 -0.24 -0.56
C CYS E 197 -13.67 -0.21 -0.04
N GLU E 198 -12.75 0.28 -0.87
CA GLU E 198 -11.34 0.37 -0.54
C GLU E 198 -10.96 1.82 -0.34
N VAL E 199 -10.28 2.13 0.76
CA VAL E 199 -10.01 3.50 1.19
C VAL E 199 -8.52 3.67 1.38
N THR E 200 -7.95 4.66 0.72
CA THR E 200 -6.57 5.07 0.88
C THR E 200 -6.54 6.48 1.46
N HIS E 201 -5.69 6.69 2.45
CA HIS E 201 -5.59 7.98 3.14
C HIS E 201 -4.24 8.08 3.81
N GLN E 202 -3.77 9.32 4.00
CA GLN E 202 -2.43 9.55 4.52
C GLN E 202 -2.23 8.88 5.87
N GLY E 203 -3.28 8.84 6.70
CA GLY E 203 -3.17 8.21 8.01
C GLY E 203 -3.21 6.71 8.02
N LEU E 204 -3.45 6.08 6.87
CA LEU E 204 -3.51 4.63 6.76
C LEU E 204 -2.25 4.14 6.05
N SER E 205 -1.44 3.35 6.76
CA SER E 205 -0.22 2.81 6.17
C SER E 205 -0.53 1.90 4.98
N SER E 206 -1.66 1.21 5.03
CA SER E 206 -2.13 0.38 3.93
C SER E 206 -3.59 0.68 3.66
N PRO E 207 -4.03 0.55 2.40
CA PRO E 207 -5.45 0.78 2.09
C PRO E 207 -6.34 -0.20 2.85
N VAL E 208 -7.46 0.31 3.36
CA VAL E 208 -8.38 -0.48 4.18
C VAL E 208 -9.63 -0.78 3.35
N THR E 209 -9.99 -2.05 3.29
CA THR E 209 -11.16 -2.51 2.56
C THR E 209 -12.22 -2.98 3.53
N LYS E 210 -13.46 -2.56 3.29
CA LYS E 210 -14.63 -3.08 4.00
C LYS E 210 -15.57 -3.68 2.95
N SER E 211 -16.09 -4.86 3.22
CA SER E 211 -16.84 -5.58 2.21
C SER E 211 -18.00 -6.34 2.83
N PHE E 212 -18.97 -6.67 1.99
CA PHE E 212 -20.03 -7.59 2.39
C PHE E 212 -20.41 -8.45 1.20
N ASN E 213 -21.11 -9.55 1.51
CA ASN E 213 -21.63 -10.45 0.49
C ASN E 213 -23.14 -10.30 0.43
N ARG E 214 -23.65 -10.04 -0.78
CA ARG E 214 -25.08 -9.91 -0.98
C ARG E 214 -25.83 -11.14 -0.52
N GLY E 215 -26.87 -10.93 0.29
CA GLY E 215 -27.68 -12.02 0.79
C GLY E 215 -27.29 -12.44 2.19
N GLU E 216 -25.99 -12.58 2.42
CA GLU E 216 -25.45 -12.99 3.73
C GLU E 216 -26.05 -14.32 4.20
N ILE F 3 35.51 -38.01 13.12
CA ILE F 3 35.97 -36.63 13.26
C ILE F 3 34.98 -35.70 12.57
N GLN F 4 34.83 -34.48 13.07
CA GLN F 4 33.80 -33.59 12.56
C GLN F 4 34.38 -32.59 11.58
N MET F 5 33.56 -32.15 10.63
CA MET F 5 33.91 -31.06 9.74
C MET F 5 32.89 -29.96 9.91
N THR F 6 33.32 -28.80 10.39
CA THR F 6 32.41 -27.69 10.68
C THR F 6 32.62 -26.59 9.65
N GLN F 7 31.62 -26.37 8.80
CA GLN F 7 31.67 -25.36 7.77
C GLN F 7 31.09 -24.05 8.28
N SER F 8 31.49 -22.96 7.64
CA SER F 8 31.00 -21.63 7.95
C SER F 8 31.09 -20.75 6.72
N PRO F 9 30.08 -19.91 6.47
CA PRO F 9 28.82 -19.82 7.21
C PRO F 9 27.85 -20.90 6.76
N SER F 10 26.69 -21.04 7.41
CA SER F 10 25.69 -22.00 6.93
C SER F 10 25.16 -21.61 5.57
N SER F 11 25.03 -20.31 5.29
CA SER F 11 24.60 -19.82 4.00
C SER F 11 25.11 -18.40 3.83
N LEU F 12 25.07 -17.91 2.58
CA LEU F 12 25.54 -16.57 2.29
C LEU F 12 24.95 -16.12 0.96
N SER F 13 25.00 -14.81 0.75
CA SER F 13 24.48 -14.17 -0.47
C SER F 13 25.50 -13.16 -0.96
N ALA F 14 25.83 -13.21 -2.25
CA ALA F 14 26.79 -12.29 -2.83
C ALA F 14 26.46 -12.08 -4.30
N SER F 15 26.88 -10.94 -4.83
CA SER F 15 26.54 -10.54 -6.18
C SER F 15 27.54 -11.07 -7.20
N VAL F 16 27.12 -11.06 -8.47
CA VAL F 16 27.99 -11.46 -9.56
C VAL F 16 29.26 -10.62 -9.52
N GLY F 17 30.41 -11.30 -9.56
CA GLY F 17 31.70 -10.65 -9.50
C GLY F 17 32.30 -10.59 -8.12
N ASP F 18 31.54 -10.92 -7.07
CA ASP F 18 32.05 -10.83 -5.72
C ASP F 18 33.04 -11.97 -5.44
N ARG F 19 33.77 -11.81 -4.34
CA ARG F 19 34.65 -12.85 -3.83
C ARG F 19 33.95 -13.53 -2.66
N VAL F 20 33.79 -14.85 -2.75
CA VAL F 20 33.11 -15.62 -1.73
C VAL F 20 34.11 -16.54 -1.06
N THR F 21 34.04 -16.61 0.28
CA THR F 21 34.93 -17.45 1.06
C THR F 21 34.10 -18.36 1.95
N ILE F 22 34.47 -19.65 1.98
CA ILE F 22 33.82 -20.65 2.82
C ILE F 22 34.90 -21.37 3.61
N THR F 23 34.72 -21.48 4.92
CA THR F 23 35.71 -22.10 5.78
C THR F 23 35.18 -23.43 6.32
N CYS F 24 36.11 -24.31 6.68
CA CYS F 24 35.78 -25.64 7.15
C CYS F 24 36.87 -26.10 8.10
N ARG F 25 36.50 -26.36 9.35
CA ARG F 25 37.44 -26.73 10.39
C ARG F 25 37.31 -28.21 10.71
N ALA F 26 38.43 -28.93 10.63
CA ALA F 26 38.48 -30.31 11.09
C ALA F 26 38.49 -30.34 12.61
N SER F 27 37.50 -30.99 13.19
CA SER F 27 37.21 -30.98 14.61
C SER F 27 37.54 -32.34 15.23
N GLN F 28 38.35 -32.30 16.29
CA GLN F 28 38.85 -33.46 17.03
C GLN F 28 39.83 -34.32 16.25
N SER F 29 40.44 -33.80 15.19
CA SER F 29 41.61 -34.44 14.61
C SER F 29 42.24 -33.56 13.54
N VAL F 30 43.57 -33.60 13.47
CA VAL F 30 44.29 -33.11 12.31
C VAL F 30 44.03 -34.02 11.12
N SER F 31 44.20 -33.48 9.92
CA SER F 31 44.11 -34.27 8.69
C SER F 31 44.99 -33.62 7.64
N SER F 32 45.00 -34.21 6.45
CA SER F 32 45.61 -33.52 5.31
C SER F 32 44.83 -33.65 4.01
N ALA F 33 43.89 -34.58 3.90
CA ALA F 33 43.18 -34.87 2.65
C ALA F 33 41.76 -34.32 2.76
N VAL F 34 41.60 -33.06 2.36
CA VAL F 34 40.30 -32.41 2.35
C VAL F 34 39.92 -32.09 0.91
N ALA F 35 38.71 -32.46 0.54
CA ALA F 35 38.14 -32.19 -0.78
C ALA F 35 36.94 -31.28 -0.65
N TRP F 36 36.68 -30.51 -1.71
CA TRP F 36 35.55 -29.61 -1.81
C TRP F 36 34.71 -30.00 -3.02
N TYR F 37 33.37 -29.96 -2.82
CA TYR F 37 32.37 -30.37 -3.80
C TYR F 37 31.30 -29.30 -3.94
N GLN F 38 30.73 -29.23 -5.14
CA GLN F 38 29.63 -28.33 -5.48
C GLN F 38 28.42 -29.17 -5.86
N GLN F 39 27.27 -28.93 -5.22
CA GLN F 39 26.08 -29.70 -5.50
C GLN F 39 24.92 -28.76 -5.83
N LYS F 40 24.35 -28.95 -7.00
CA LYS F 40 23.07 -28.36 -7.36
C LYS F 40 21.93 -29.18 -6.75
N PRO F 41 20.79 -28.55 -6.46
CA PRO F 41 19.70 -29.28 -5.81
C PRO F 41 19.30 -30.52 -6.61
N GLY F 42 19.21 -31.65 -5.91
CA GLY F 42 18.77 -32.89 -6.51
C GLY F 42 19.68 -33.48 -7.56
N LYS F 43 20.94 -33.03 -7.62
CA LYS F 43 21.90 -33.56 -8.57
C LYS F 43 23.10 -34.11 -7.83
N ALA F 44 23.86 -34.96 -8.52
CA ALA F 44 25.05 -35.52 -7.92
C ALA F 44 26.09 -34.42 -7.69
N PRO F 45 26.79 -34.44 -6.55
CA PRO F 45 27.82 -33.45 -6.32
C PRO F 45 28.97 -33.58 -7.30
N LYS F 46 29.64 -32.46 -7.54
CA LYS F 46 30.77 -32.40 -8.45
C LYS F 46 32.01 -32.04 -7.64
N LEU F 47 33.09 -32.80 -7.84
CA LEU F 47 34.34 -32.52 -7.16
C LEU F 47 34.94 -31.23 -7.70
N LEU F 48 35.27 -30.33 -6.78
CA LEU F 48 35.94 -29.08 -7.14
C LEU F 48 37.43 -29.13 -6.83
N ILE F 49 37.79 -29.53 -5.62
CA ILE F 49 39.18 -29.45 -5.17
C ILE F 49 39.53 -30.71 -4.39
N TYR F 50 40.73 -31.23 -4.61
CA TYR F 50 41.22 -32.35 -3.82
C TYR F 50 42.58 -31.97 -3.24
N SER F 51 42.95 -32.65 -2.16
CA SER F 51 44.21 -32.39 -1.45
C SER F 51 44.29 -30.95 -0.95
N ALA F 52 43.12 -30.33 -0.76
CA ALA F 52 42.92 -29.03 -0.14
C ALA F 52 43.39 -27.87 -1.01
N SER F 53 44.13 -28.16 -2.09
CA SER F 53 44.62 -27.11 -2.97
C SER F 53 44.55 -27.44 -4.45
N SER F 54 44.35 -28.70 -4.83
CA SER F 54 44.49 -29.10 -6.22
C SER F 54 43.18 -28.95 -6.96
N LEU F 55 43.20 -28.22 -8.07
CA LEU F 55 42.02 -28.01 -8.88
C LEU F 55 41.70 -29.27 -9.65
N TYR F 56 40.44 -29.71 -9.59
CA TYR F 56 40.08 -30.91 -10.34
C TYR F 56 39.88 -30.59 -11.82
N SER F 57 39.99 -31.64 -12.64
CA SER F 57 39.93 -31.51 -14.09
C SER F 57 38.68 -30.76 -14.54
N GLY F 58 38.90 -29.64 -15.24
CA GLY F 58 37.83 -28.87 -15.83
C GLY F 58 37.24 -27.79 -14.96
N VAL F 59 37.53 -27.78 -13.66
CA VAL F 59 36.93 -26.79 -12.78
C VAL F 59 37.52 -25.42 -13.09
N PRO F 60 36.70 -24.38 -13.28
CA PRO F 60 37.25 -23.05 -13.57
C PRO F 60 38.18 -22.56 -12.48
N SER F 61 39.23 -21.85 -12.89
CA SER F 61 40.29 -21.40 -11.99
C SER F 61 39.85 -20.31 -11.03
N ARG F 62 38.63 -19.82 -11.12
CA ARG F 62 38.14 -18.91 -10.09
C ARG F 62 37.90 -19.64 -8.77
N PHE F 63 37.81 -20.96 -8.79
CA PHE F 63 37.78 -21.75 -7.57
C PHE F 63 39.21 -22.03 -7.11
N SER F 64 39.45 -21.89 -5.81
CA SER F 64 40.76 -22.16 -5.25
C SER F 64 40.59 -22.61 -3.81
N GLY F 65 41.60 -23.33 -3.32
CA GLY F 65 41.55 -23.85 -1.97
C GLY F 65 42.87 -23.63 -1.25
N SER F 66 42.77 -23.58 0.07
CA SER F 66 43.95 -23.38 0.89
C SER F 66 43.76 -24.05 2.25
N ARG F 67 44.89 -24.30 2.91
CA ARG F 67 44.91 -24.96 4.21
C ARG F 67 45.75 -24.16 5.18
N SER F 68 45.27 -24.04 6.42
CA SER F 68 45.99 -23.43 7.54
C SER F 68 45.73 -24.35 8.73
N GLY F 69 46.61 -25.33 8.91
CA GLY F 69 46.46 -26.31 9.97
C GLY F 69 45.23 -27.17 9.79
N THR F 70 44.26 -27.02 10.68
CA THR F 70 42.99 -27.73 10.59
C THR F 70 41.88 -26.87 10.00
N ASP F 71 42.21 -25.73 9.40
CA ASP F 71 41.23 -24.82 8.83
C ASP F 71 41.42 -24.76 7.32
N PHE F 72 40.39 -25.11 6.56
CA PHE F 72 40.46 -25.19 5.12
C PHE F 72 39.51 -24.18 4.51
N THR F 73 39.92 -23.57 3.41
CA THR F 73 39.17 -22.48 2.82
C THR F 73 38.95 -22.73 1.34
N LEU F 74 37.70 -22.60 0.91
CA LEU F 74 37.32 -22.57 -0.48
C LEU F 74 37.01 -21.12 -0.87
N THR F 75 37.66 -20.64 -1.92
CA THR F 75 37.48 -19.28 -2.39
C THR F 75 36.95 -19.32 -3.82
N ILE F 76 35.89 -18.57 -4.07
CA ILE F 76 35.41 -18.29 -5.41
C ILE F 76 35.77 -16.84 -5.71
N SER F 77 36.57 -16.63 -6.75
CA SER F 77 37.15 -15.33 -7.01
C SER F 77 36.16 -14.38 -7.66
N SER F 78 35.59 -14.79 -8.80
CA SER F 78 34.65 -13.95 -9.56
C SER F 78 33.32 -14.68 -9.61
N LEU F 79 32.49 -14.46 -8.59
CA LEU F 79 31.23 -15.19 -8.46
C LEU F 79 30.35 -15.00 -9.69
N GLN F 80 29.95 -16.10 -10.32
CA GLN F 80 29.12 -16.14 -11.50
C GLN F 80 27.71 -16.62 -11.16
N PRO F 81 26.71 -16.21 -11.94
CA PRO F 81 25.33 -16.65 -11.64
C PRO F 81 25.15 -18.16 -11.58
N GLU F 82 25.85 -18.91 -12.40
CA GLU F 82 25.68 -20.36 -12.32
C GLU F 82 26.34 -20.99 -11.11
N ASP F 83 26.90 -20.21 -10.19
CA ASP F 83 27.62 -20.74 -9.04
C ASP F 83 26.72 -21.00 -7.84
N PHE F 84 25.43 -20.67 -7.89
CA PHE F 84 24.57 -20.96 -6.75
C PHE F 84 24.52 -22.46 -6.53
N ALA F 85 24.73 -22.87 -5.28
CA ALA F 85 24.85 -24.31 -5.01
C ALA F 85 25.06 -24.49 -3.52
N THR F 86 25.04 -25.74 -3.07
CA THR F 86 25.51 -26.07 -1.73
C THR F 86 26.90 -26.68 -1.86
N TYR F 87 27.86 -26.11 -1.15
CA TYR F 87 29.26 -26.55 -1.21
C TYR F 87 29.60 -27.32 0.06
N TYR F 88 30.34 -28.41 -0.12
CA TYR F 88 30.69 -29.31 0.98
C TYR F 88 32.19 -29.50 1.03
N CYS F 89 32.73 -29.57 2.24
CA CYS F 89 34.08 -30.10 2.45
C CYS F 89 33.96 -31.54 2.94
N GLN F 90 35.06 -32.28 2.78
CA GLN F 90 35.07 -33.71 3.07
C GLN F 90 36.50 -34.12 3.41
N GLN F 91 36.65 -34.95 4.44
CA GLN F 91 37.96 -35.41 4.88
C GLN F 91 38.11 -36.90 4.60
N SER F 92 39.32 -37.28 4.18
CA SER F 92 39.68 -38.68 3.93
C SER F 92 40.94 -38.99 4.72
N SER F 93 40.80 -39.74 5.82
CA SER F 93 41.92 -39.98 6.70
C SER F 93 42.63 -41.30 6.34
N ILE F 94 43.55 -41.71 7.21
CA ILE F 94 44.43 -42.83 6.92
C ILE F 94 43.72 -44.16 7.16
N VAL F 95 44.26 -45.22 6.56
CA VAL F 95 43.84 -46.60 6.77
C VAL F 95 42.34 -46.73 6.58
N TRP F 96 41.83 -46.21 5.45
CA TRP F 96 40.43 -46.27 5.04
C TRP F 96 39.47 -46.00 6.21
N GLU F 97 39.83 -45.06 7.07
CA GLU F 97 38.93 -44.63 8.13
C GLU F 97 37.68 -44.00 7.53
N PRO F 98 36.55 -44.01 8.25
CA PRO F 98 35.32 -43.45 7.69
C PRO F 98 35.51 -42.00 7.25
N ILE F 99 34.95 -41.69 6.09
CA ILE F 99 34.94 -40.35 5.52
C ILE F 99 33.84 -39.51 6.18
N THR F 100 34.07 -38.20 6.31
CA THR F 100 33.07 -37.28 6.85
C THR F 100 32.87 -36.10 5.92
N PHE F 101 31.62 -35.72 5.71
CA PHE F 101 31.27 -34.50 5.00
C PHE F 101 30.94 -33.39 5.98
N GLY F 102 31.23 -32.15 5.58
CA GLY F 102 30.72 -31.01 6.30
C GLY F 102 29.21 -30.89 6.14
N GLN F 103 28.61 -30.01 6.93
CA GLN F 103 27.16 -29.83 6.85
C GLN F 103 26.73 -29.09 5.60
N GLY F 104 27.66 -28.44 4.91
CA GLY F 104 27.34 -27.74 3.69
C GLY F 104 27.11 -26.25 3.92
N THR F 105 27.45 -25.46 2.90
CA THR F 105 27.22 -24.02 2.87
C THR F 105 26.42 -23.69 1.61
N LYS F 106 25.25 -23.09 1.78
CA LYS F 106 24.39 -22.77 0.66
C LYS F 106 24.74 -21.37 0.15
N VAL F 107 25.12 -21.27 -1.12
CA VAL F 107 25.51 -20.03 -1.77
C VAL F 107 24.39 -19.63 -2.71
N GLU F 108 23.83 -18.44 -2.46
CA GLU F 108 22.80 -17.81 -3.27
C GLU F 108 23.36 -16.55 -3.92
N ILE F 109 22.85 -16.22 -5.10
CA ILE F 109 23.34 -15.07 -5.85
C ILE F 109 22.47 -13.87 -5.50
N LYS F 110 23.09 -12.79 -5.03
CA LYS F 110 22.39 -11.54 -4.80
C LYS F 110 22.39 -10.68 -6.05
N ARG F 111 21.20 -10.18 -6.43
CA ARG F 111 21.03 -9.39 -7.64
C ARG F 111 20.04 -8.27 -7.35
N THR F 112 19.83 -7.41 -8.35
CA THR F 112 18.92 -6.29 -8.19
C THR F 112 17.47 -6.77 -8.11
N VAL F 113 16.63 -5.96 -7.44
CA VAL F 113 15.24 -6.33 -7.20
C VAL F 113 14.50 -6.51 -8.52
N ALA F 114 13.63 -7.54 -8.56
CA ALA F 114 12.80 -7.83 -9.72
C ALA F 114 11.42 -8.22 -9.23
N ALA F 115 10.39 -7.51 -9.72
CA ALA F 115 9.01 -7.74 -9.31
C ALA F 115 8.47 -9.00 -10.00
N PRO F 116 7.65 -9.80 -9.29
CA PRO F 116 7.09 -11.00 -9.90
C PRO F 116 5.95 -10.68 -10.85
N SER F 117 5.85 -11.47 -11.92
CA SER F 117 4.65 -11.47 -12.74
C SER F 117 3.66 -12.48 -12.16
N VAL F 118 2.41 -12.07 -11.99
CA VAL F 118 1.43 -12.84 -11.22
C VAL F 118 0.37 -13.38 -12.15
N PHE F 119 0.03 -14.66 -11.96
CA PHE F 119 -1.00 -15.33 -12.73
C PHE F 119 -1.86 -16.16 -11.78
N ILE F 120 -3.12 -16.35 -12.16
CA ILE F 120 -4.04 -17.18 -11.38
C ILE F 120 -4.67 -18.21 -12.30
N PHE F 121 -4.88 -19.41 -11.78
CA PHE F 121 -5.41 -20.54 -12.54
C PHE F 121 -6.54 -21.15 -11.74
N PRO F 122 -7.76 -21.15 -12.26
CA PRO F 122 -8.88 -21.78 -11.57
C PRO F 122 -8.74 -23.28 -11.60
N PRO F 123 -9.53 -24.01 -10.79
CA PRO F 123 -9.51 -25.47 -10.90
C PRO F 123 -9.90 -25.84 -12.31
N SER F 124 -9.26 -26.90 -12.84
CA SER F 124 -9.53 -27.27 -14.22
C SER F 124 -11.00 -27.63 -14.40
N ASP F 125 -11.55 -27.22 -15.53
CA ASP F 125 -12.92 -27.58 -15.85
C ASP F 125 -13.05 -29.07 -16.17
N SER F 126 -11.93 -29.73 -16.46
CA SER F 126 -11.83 -31.16 -16.64
C SER F 126 -11.45 -31.89 -15.35
N GLN F 127 -11.32 -31.17 -14.24
CA GLN F 127 -10.96 -31.77 -12.95
C GLN F 127 -12.08 -31.90 -11.94
N LEU F 128 -13.12 -31.06 -11.97
CA LEU F 128 -14.06 -30.97 -10.86
C LEU F 128 -14.79 -32.27 -10.57
N LYS F 129 -14.82 -33.22 -11.50
CA LYS F 129 -15.42 -34.51 -11.24
C LYS F 129 -14.56 -35.30 -10.26
N SER F 130 -14.80 -35.12 -8.96
CA SER F 130 -14.16 -35.85 -7.86
C SER F 130 -12.70 -35.50 -7.66
N GLY F 131 -12.10 -34.70 -8.54
CA GLY F 131 -10.75 -34.25 -8.28
C GLY F 131 -10.67 -32.99 -7.45
N THR F 132 -11.78 -32.60 -6.81
CA THR F 132 -11.86 -31.43 -5.95
C THR F 132 -11.38 -30.15 -6.65
N ALA F 133 -11.01 -29.12 -5.88
CA ALA F 133 -10.71 -27.82 -6.45
C ALA F 133 -9.32 -27.34 -6.01
N SER F 134 -8.42 -27.21 -6.98
CA SER F 134 -7.08 -26.69 -6.74
C SER F 134 -6.94 -25.38 -7.51
N VAL F 135 -6.67 -24.29 -6.79
CA VAL F 135 -6.47 -22.98 -7.38
C VAL F 135 -5.00 -22.62 -7.26
N VAL F 136 -4.40 -22.19 -8.37
CA VAL F 136 -2.95 -22.02 -8.43
C VAL F 136 -2.64 -20.54 -8.65
N CYS F 137 -1.72 -20.00 -7.85
CA CYS F 137 -1.21 -18.65 -8.03
C CYS F 137 0.28 -18.74 -8.35
N LEU F 138 0.69 -18.14 -9.46
CA LEU F 138 2.06 -18.21 -9.92
C LEU F 138 2.71 -16.84 -9.86
N LEU F 139 3.87 -16.77 -9.22
CA LEU F 139 4.73 -15.59 -9.20
C LEU F 139 5.98 -15.94 -9.99
N ASN F 140 6.22 -15.23 -11.07
CA ASN F 140 7.22 -15.62 -12.06
C ASN F 140 8.36 -14.62 -12.07
N ASN F 141 9.59 -15.15 -11.96
CA ASN F 141 10.84 -14.45 -12.22
C ASN F 141 10.97 -13.19 -11.37
N PHE F 142 11.07 -13.41 -10.06
CA PHE F 142 11.23 -12.32 -9.12
C PHE F 142 12.47 -12.53 -8.26
N TYR F 143 12.82 -11.47 -7.52
CA TYR F 143 13.91 -11.48 -6.55
C TYR F 143 13.70 -10.29 -5.63
N PRO F 144 13.92 -10.43 -4.32
CA PRO F 144 14.40 -11.62 -3.59
C PRO F 144 13.34 -12.68 -3.39
N ARG F 145 13.72 -13.82 -2.79
CA ARG F 145 12.82 -14.95 -2.66
C ARG F 145 11.62 -14.63 -1.76
N GLU F 146 11.79 -13.70 -0.83
CA GLU F 146 10.72 -13.41 0.12
C GLU F 146 9.55 -12.75 -0.59
N ALA F 147 8.35 -13.28 -0.35
CA ALA F 147 7.14 -12.76 -0.96
C ALA F 147 5.95 -13.31 -0.20
N LYS F 148 4.90 -12.51 -0.07
CA LYS F 148 3.72 -12.88 0.68
C LYS F 148 2.57 -13.13 -0.30
N VAL F 149 1.96 -14.31 -0.19
CA VAL F 149 0.83 -14.69 -1.02
C VAL F 149 -0.33 -14.96 -0.08
N GLN F 150 -1.40 -14.19 -0.25
CA GLN F 150 -2.59 -14.30 0.58
C GLN F 150 -3.75 -14.71 -0.30
N TRP F 151 -4.53 -15.70 0.15
CA TRP F 151 -5.70 -16.14 -0.59
C TRP F 151 -6.94 -15.52 0.03
N LYS F 152 -7.73 -14.82 -0.80
CA LYS F 152 -9.01 -14.27 -0.40
C LYS F 152 -10.12 -14.95 -1.19
N VAL F 153 -11.09 -15.51 -0.47
CA VAL F 153 -12.27 -16.09 -1.09
C VAL F 153 -13.48 -15.28 -0.62
N ASP F 154 -14.12 -14.59 -1.56
CA ASP F 154 -15.17 -13.61 -1.23
C ASP F 154 -14.65 -12.60 -0.20
N ASN F 155 -13.40 -12.15 -0.40
CA ASN F 155 -12.70 -11.21 0.46
C ASN F 155 -12.47 -11.75 1.87
N ALA F 156 -12.61 -13.06 2.06
CA ALA F 156 -12.30 -13.69 3.34
C ALA F 156 -10.91 -14.31 3.26
N LEU F 157 -10.02 -13.87 4.14
CA LEU F 157 -8.69 -14.46 4.23
C LEU F 157 -8.78 -15.91 4.66
N GLN F 158 -8.22 -16.81 3.85
CA GLN F 158 -8.27 -18.24 4.13
C GLN F 158 -6.88 -18.72 4.51
N SER F 159 -6.75 -19.23 5.73
CA SER F 159 -5.47 -19.65 6.28
C SER F 159 -5.50 -21.15 6.58
N GLY F 160 -4.36 -21.80 6.40
CA GLY F 160 -4.21 -23.20 6.74
C GLY F 160 -4.48 -24.18 5.62
N ASN F 161 -4.83 -23.71 4.43
CA ASN F 161 -5.20 -24.61 3.33
C ASN F 161 -4.46 -24.27 2.04
N SER F 162 -3.29 -23.65 2.14
CA SER F 162 -2.47 -23.35 0.97
C SER F 162 -1.06 -23.85 1.20
N GLN F 163 -0.43 -24.37 0.14
CA GLN F 163 0.96 -24.81 0.18
C GLN F 163 1.76 -24.07 -0.87
N GLU F 164 2.94 -23.59 -0.49
CA GLU F 164 3.83 -22.92 -1.41
C GLU F 164 4.97 -23.82 -1.84
N SER F 165 5.58 -23.48 -2.98
CA SER F 165 6.71 -24.22 -3.52
C SER F 165 7.50 -23.27 -4.41
N VAL F 166 8.82 -23.25 -4.23
CA VAL F 166 9.67 -22.26 -4.88
C VAL F 166 10.71 -22.97 -5.74
N THR F 167 10.88 -22.52 -6.98
CA THR F 167 11.95 -23.05 -7.81
C THR F 167 13.30 -22.59 -7.30
N GLU F 168 14.34 -23.31 -7.72
CA GLU F 168 15.70 -22.88 -7.45
C GLU F 168 16.03 -21.63 -8.25
N GLN F 169 17.05 -20.91 -7.79
CA GLN F 169 17.50 -19.70 -8.45
C GLN F 169 17.90 -19.99 -9.90
N ASP F 170 17.52 -19.07 -10.79
CA ASP F 170 17.74 -19.29 -12.21
C ASP F 170 19.23 -19.20 -12.55
N SER F 171 19.69 -20.08 -13.42
CA SER F 171 21.11 -20.19 -13.73
C SER F 171 21.63 -18.98 -14.50
N LYS F 172 20.75 -18.16 -15.07
CA LYS F 172 21.16 -17.02 -15.89
C LYS F 172 20.82 -15.68 -15.25
N ASP F 173 19.57 -15.49 -14.80
CA ASP F 173 19.12 -14.20 -14.27
C ASP F 173 18.94 -14.19 -12.77
N SER F 174 19.21 -15.30 -12.09
CA SER F 174 19.24 -15.37 -10.63
C SER F 174 17.89 -15.07 -9.98
N THR F 175 16.80 -15.18 -10.72
CA THR F 175 15.48 -14.94 -10.16
C THR F 175 14.85 -16.24 -9.67
N TYR F 176 13.77 -16.10 -8.90
CA TYR F 176 12.97 -17.22 -8.42
C TYR F 176 11.61 -17.21 -9.08
N SER F 177 10.95 -18.37 -9.03
CA SER F 177 9.53 -18.48 -9.32
C SER F 177 8.87 -19.28 -8.20
N LEU F 178 7.61 -18.99 -7.95
CA LEU F 178 6.91 -19.51 -6.79
C LEU F 178 5.48 -19.89 -7.18
N SER F 179 4.99 -20.98 -6.62
CA SER F 179 3.62 -21.41 -6.79
C SER F 179 2.95 -21.52 -5.43
N SER F 180 1.72 -21.04 -5.36
CA SER F 180 0.87 -21.17 -4.18
C SER F 180 -0.37 -21.96 -4.59
N THR F 181 -0.68 -23.02 -3.85
CA THR F 181 -1.76 -23.93 -4.20
C THR F 181 -2.80 -23.88 -3.08
N LEU F 182 -3.99 -23.38 -3.40
CA LEU F 182 -5.13 -23.41 -2.51
C LEU F 182 -5.96 -24.65 -2.83
N THR F 183 -6.28 -25.43 -1.80
CA THR F 183 -6.97 -26.70 -1.97
C THR F 183 -8.30 -26.66 -1.23
N LEU F 184 -9.40 -26.88 -1.95
CA LEU F 184 -10.72 -26.90 -1.37
C LEU F 184 -11.48 -28.11 -1.89
N SER F 185 -12.41 -28.59 -1.06
CA SER F 185 -13.28 -29.66 -1.48
C SER F 185 -14.24 -29.18 -2.56
N LYS F 186 -14.84 -30.15 -3.27
CA LYS F 186 -15.74 -29.81 -4.36
C LYS F 186 -16.93 -28.98 -3.85
N ALA F 187 -17.46 -29.32 -2.68
CA ALA F 187 -18.59 -28.59 -2.13
C ALA F 187 -18.21 -27.15 -1.76
N ASP F 188 -17.12 -26.99 -1.01
CA ASP F 188 -16.72 -25.66 -0.55
C ASP F 188 -16.37 -24.72 -1.69
N TYR F 189 -15.86 -25.25 -2.80
CA TYR F 189 -15.49 -24.38 -3.92
C TYR F 189 -16.73 -23.74 -4.54
N GLU F 190 -17.83 -24.46 -4.62
CA GLU F 190 -19.04 -23.97 -5.25
C GLU F 190 -19.93 -23.16 -4.31
N LYS F 191 -19.56 -23.05 -3.04
CA LYS F 191 -20.25 -22.17 -2.11
C LYS F 191 -19.65 -20.77 -2.06
N HIS F 192 -18.77 -20.44 -3.01
CA HIS F 192 -18.13 -19.14 -3.08
C HIS F 192 -17.90 -18.79 -4.53
N LYS F 193 -17.82 -17.50 -4.84
CA LYS F 193 -17.74 -17.03 -6.22
C LYS F 193 -16.39 -16.44 -6.58
N VAL F 194 -15.86 -15.52 -5.77
CA VAL F 194 -14.67 -14.75 -6.13
C VAL F 194 -13.45 -15.38 -5.46
N TYR F 195 -12.44 -15.69 -6.26
CA TYR F 195 -11.19 -16.28 -5.78
C TYR F 195 -10.05 -15.36 -6.19
N ALA F 196 -9.29 -14.88 -5.21
CA ALA F 196 -8.24 -13.90 -5.46
C ALA F 196 -6.96 -14.28 -4.74
N CYS F 197 -5.84 -14.00 -5.42
CA CYS F 197 -4.50 -14.17 -4.89
C CYS F 197 -3.88 -12.78 -4.81
N GLU F 198 -3.49 -12.38 -3.61
CA GLU F 198 -2.88 -11.07 -3.38
C GLU F 198 -1.41 -11.29 -3.07
N VAL F 199 -0.55 -10.52 -3.73
CA VAL F 199 0.89 -10.73 -3.66
C VAL F 199 1.56 -9.45 -3.21
N THR F 200 2.35 -9.55 -2.14
CA THR F 200 3.17 -8.45 -1.66
C THR F 200 4.63 -8.82 -1.83
N HIS F 201 5.42 -7.90 -2.37
CA HIS F 201 6.82 -8.16 -2.65
C HIS F 201 7.56 -6.84 -2.78
N GLN F 202 8.86 -6.89 -2.48
CA GLN F 202 9.69 -5.69 -2.43
C GLN F 202 9.68 -4.93 -3.75
N GLY F 203 9.62 -5.65 -4.87
CA GLY F 203 9.60 -5.00 -6.16
C GLY F 203 8.27 -4.41 -6.59
N LEU F 204 7.23 -4.60 -5.79
CA LEU F 204 5.89 -4.10 -6.10
C LEU F 204 5.61 -2.92 -5.18
N SER F 205 5.37 -1.75 -5.78
CA SER F 205 5.07 -0.56 -4.98
C SER F 205 3.80 -0.75 -4.16
N SER F 206 2.83 -1.49 -4.70
CA SER F 206 1.63 -1.87 -3.96
C SER F 206 1.37 -3.35 -4.25
N PRO F 207 0.78 -4.07 -3.30
CA PRO F 207 0.45 -5.48 -3.55
C PRO F 207 -0.49 -5.65 -4.75
N VAL F 208 -0.22 -6.67 -5.54
CA VAL F 208 -0.94 -6.93 -6.79
C VAL F 208 -1.87 -8.12 -6.58
N THR F 209 -3.13 -7.95 -6.96
CA THR F 209 -4.14 -8.99 -6.83
C THR F 209 -4.54 -9.52 -8.20
N LYS F 210 -4.63 -10.84 -8.32
CA LYS F 210 -5.19 -11.50 -9.49
C LYS F 210 -6.39 -12.33 -9.05
N SER F 211 -7.49 -12.25 -9.78
CA SER F 211 -8.72 -12.87 -9.32
C SER F 211 -9.51 -13.45 -10.48
N PHE F 212 -10.42 -14.35 -10.14
CA PHE F 212 -11.41 -14.83 -11.10
C PHE F 212 -12.71 -15.11 -10.36
N ASN F 213 -13.79 -15.21 -11.13
CA ASN F 213 -15.10 -15.55 -10.62
C ASN F 213 -15.46 -16.96 -11.09
N ARG F 214 -15.86 -17.81 -10.14
CA ARG F 214 -16.24 -19.18 -10.49
C ARG F 214 -17.37 -19.16 -11.51
N GLY F 215 -17.21 -19.92 -12.59
CA GLY F 215 -18.25 -20.04 -13.59
C GLY F 215 -18.09 -19.13 -14.79
N GLU F 216 -17.83 -17.84 -14.57
CA GLU F 216 -17.68 -16.91 -15.68
C GLU F 216 -16.29 -17.12 -16.30
N CYS F 217 -16.27 -17.88 -17.39
CA CYS F 217 -15.03 -18.10 -18.14
C CYS F 217 -14.64 -16.82 -18.87
#